data_8OY3
#
_entry.id   8OY3
#
_cell.length_a   70.200
_cell.length_b   117.760
_cell.length_c   170.470
_cell.angle_alpha   90.000
_cell.angle_beta   90.000
_cell.angle_gamma   90.000
#
_symmetry.space_group_name_H-M   'P 21 21 21'
#
loop_
_entity.id
_entity.type
_entity.pdbx_description
1 polymer 'Deoxyribodipyrimidine photo-lyase'
2 polymer 'CPD-COMPRISING OLIGONUCLEOTIDE'
3 polymer COUNTERSTRAND-OLIGONUCLEOTIDE
4 non-polymer 'SULFATE ION'
5 non-polymer 'DIHYDROFLAVINE-ADENINE DINUCLEOTIDE'
6 water water
#
loop_
_entity_poly.entity_id
_entity_poly.type
_entity_poly.pdbx_seq_one_letter_code
_entity_poly.pdbx_strand_id
1 'polypeptide(L)'
;MGSSHHHHHHSSGLVPRGSHMIMNPKRIRALKSGKQGDGPVVYWMSRDQRAEDNWALLFSRAIAKEANVPVVVVFCLTDE
FLEAGIRQYEFMLKGLQELEVSLSRKKIPSFFLRGDPGEKISRFVKDYNAGTLVTDFSPLRIKNQWIEKVISGISIPFFE
VDAHNVVPCWEASQKHEYAAHTFRPKLYALLPEFLEEFPELEPNSVTPELSAGAGMVETLSDVLETGVKALLPERALLKN
KDPLFEPWHFEPGEKAAKKVMESFIADRLDSYGALRNDPTKNMLSNLSPYLHFGQISSQRVVLEVEKAESNPGSKKAFLD
EILIWKEISDNFCYYNPGYDGFESFPSWAKESLNAHRNDVRSHIYTLEEFEAGKTHDPLWNASQMELLSTGKMHGYMRMY
WAKKILEWSESPEKALEIAICLNDRYELDGRDPNGYAGIAWSIGGVHDRAWGEREVTGKIRYMSYEGCKRKFDVKLYIEK
YSALDKLAAALEHHHHHH
;
A,B
2 'polydeoxyribonucleotide' (DA)(DT)(DC)(DG)(DG)(DC)(TTD)(DC)(DG)(DC)(DG)(DC)(DA) C,E
3 'polydeoxyribonucleotide' (DT)(DT)(DG)(DC)(DG)(DC)(DG)(DA)(DA)(DG)(DC)(DC)(DG)(DA) D,F
#
# COMPACT_ATOMS: atom_id res chain seq x y z
N MET A 23 -1.98 -2.87 43.74
CA MET A 23 -2.15 -2.63 42.31
C MET A 23 -3.63 -2.58 41.93
N ASN A 24 -4.01 -1.55 41.18
CA ASN A 24 -5.39 -1.35 40.73
C ASN A 24 -5.79 -2.46 39.77
N PRO A 25 -6.71 -3.35 40.17
CA PRO A 25 -6.99 -4.52 39.33
C PRO A 25 -7.67 -4.18 38.01
N LYS A 26 -8.07 -2.93 37.78
CA LYS A 26 -8.63 -2.61 36.48
C LYS A 26 -7.57 -2.53 35.40
N ARG A 27 -6.29 -2.65 35.77
CA ARG A 27 -5.22 -2.73 34.78
C ARG A 27 -5.06 -4.14 34.21
N ILE A 28 -5.81 -5.12 34.71
CA ILE A 28 -5.66 -6.53 34.38
C ILE A 28 -6.87 -6.99 33.58
N ARG A 29 -6.61 -7.63 32.46
CA ARG A 29 -7.66 -8.28 31.71
C ARG A 29 -7.36 -9.77 31.57
N ALA A 30 -8.39 -10.57 31.76
CA ALA A 30 -8.25 -12.02 31.70
C ALA A 30 -8.47 -12.44 30.26
N LEU A 31 -7.38 -12.82 29.57
CA LEU A 31 -7.52 -13.32 28.21
C LEU A 31 -8.14 -14.72 28.19
N LYS A 32 -7.47 -15.70 28.82
CA LYS A 32 -7.93 -17.09 28.75
C LYS A 32 -8.02 -17.63 30.15
N SER A 33 -9.22 -18.01 30.57
CA SER A 33 -9.43 -18.60 31.87
C SER A 33 -8.85 -20.01 31.90
N GLY A 34 -8.56 -20.48 33.11
CA GLY A 34 -8.01 -21.81 33.28
C GLY A 34 -7.52 -22.00 34.70
N LYS A 35 -6.87 -23.13 34.91
CA LYS A 35 -6.37 -23.50 36.23
C LYS A 35 -4.89 -23.15 36.33
N GLN A 36 -4.51 -22.50 37.43
CA GLN A 36 -3.12 -22.09 37.63
C GLN A 36 -2.21 -23.31 37.65
N GLY A 37 -1.40 -23.49 36.62
CA GLY A 37 -0.34 -24.48 36.69
C GLY A 37 0.55 -24.25 37.90
N ASP A 38 1.46 -25.20 38.16
CA ASP A 38 2.32 -25.08 39.33
C ASP A 38 3.73 -24.63 38.97
N GLY A 39 3.99 -24.27 37.72
CA GLY A 39 5.29 -23.79 37.33
C GLY A 39 5.46 -22.29 37.48
N PRO A 40 6.50 -21.75 36.85
CA PRO A 40 6.77 -20.31 36.95
C PRO A 40 5.68 -19.47 36.28
N VAL A 41 5.80 -18.15 36.45
CA VAL A 41 4.91 -17.17 35.84
C VAL A 41 5.68 -16.48 34.72
N VAL A 42 5.11 -16.45 33.53
CA VAL A 42 5.82 -16.04 32.32
C VAL A 42 5.26 -14.71 31.85
N TYR A 43 6.07 -13.64 31.96
CA TYR A 43 5.78 -12.37 31.33
C TYR A 43 6.25 -12.43 29.88
N TRP A 44 5.31 -12.52 28.95
CA TRP A 44 5.61 -12.34 27.53
C TRP A 44 5.74 -10.85 27.32
N MET A 45 6.98 -10.36 27.34
CA MET A 45 7.25 -8.95 27.16
C MET A 45 7.27 -8.58 25.69
N SER A 46 6.45 -7.57 25.32
CA SER A 46 6.37 -7.15 23.92
C SER A 46 6.43 -5.63 23.75
N ARG A 47 5.47 -4.86 24.31
CA ARG A 47 5.45 -3.42 24.10
C ARG A 47 6.37 -2.71 25.08
N ASP A 48 6.37 -3.15 26.32
CA ASP A 48 7.01 -2.41 27.40
C ASP A 48 8.36 -3.07 27.75
N GLN A 49 9.41 -2.64 27.04
CA GLN A 49 10.76 -3.19 27.21
C GLN A 49 11.53 -2.34 28.22
N ARG A 50 11.10 -2.45 29.46
CA ARG A 50 11.79 -1.76 30.54
C ARG A 50 11.67 -2.64 31.78
N ALA A 51 12.66 -2.52 32.67
CA ALA A 51 12.63 -3.23 33.95
C ALA A 51 11.87 -2.48 35.03
N GLU A 52 11.87 -1.15 34.96
CA GLU A 52 11.27 -0.27 35.96
C GLU A 52 9.89 0.15 35.50
N ASP A 53 9.05 0.57 36.45
CA ASP A 53 7.79 1.26 36.16
C ASP A 53 6.96 0.47 35.14
N ASN A 54 6.85 -0.83 35.38
CA ASN A 54 6.27 -1.76 34.39
C ASN A 54 5.19 -2.58 35.08
N TRP A 55 3.93 -2.12 34.98
CA TRP A 55 2.81 -2.79 35.66
C TRP A 55 2.69 -4.26 35.24
N ALA A 56 3.13 -4.57 34.03
CA ALA A 56 2.94 -5.93 33.53
C ALA A 56 3.90 -6.85 34.23
N LEU A 57 5.16 -6.44 34.33
CA LEU A 57 6.17 -7.19 35.10
C LEU A 57 5.90 -7.13 36.60
N LEU A 58 5.23 -6.08 37.09
CA LEU A 58 4.88 -6.04 38.51
C LEU A 58 3.75 -7.02 38.84
N PHE A 59 2.75 -7.12 37.96
CA PHE A 59 1.67 -8.09 38.18
C PHE A 59 2.22 -9.51 38.18
N SER A 60 3.00 -9.85 37.14
CA SER A 60 3.65 -11.15 37.04
C SER A 60 4.34 -11.53 38.36
N ARG A 61 5.15 -10.62 38.89
CA ARG A 61 5.89 -10.91 40.13
C ARG A 61 4.93 -11.10 41.30
N ALA A 62 3.86 -10.31 41.34
CA ALA A 62 2.83 -10.55 42.34
C ALA A 62 2.26 -11.95 42.18
N ILE A 63 1.69 -12.23 41.01
CA ILE A 63 1.19 -13.56 40.68
C ILE A 63 2.22 -14.62 41.06
N ALA A 64 3.47 -14.39 40.69
CA ALA A 64 4.53 -15.31 41.08
C ALA A 64 4.63 -15.43 42.59
N LYS A 65 4.72 -14.28 43.28
CA LYS A 65 5.08 -14.28 44.71
C LYS A 65 4.10 -15.08 45.55
N GLU A 66 2.79 -14.95 45.29
CA GLU A 66 1.84 -15.74 46.07
C GLU A 66 2.05 -17.24 45.84
N ALA A 67 2.41 -17.66 44.62
CA ALA A 67 2.55 -19.07 44.35
C ALA A 67 3.90 -19.64 44.80
N ASN A 68 4.79 -18.80 45.34
CA ASN A 68 6.13 -19.21 45.75
C ASN A 68 6.94 -19.78 44.58
N VAL A 69 6.67 -19.29 43.37
CA VAL A 69 7.40 -19.67 42.16
C VAL A 69 8.19 -18.45 41.67
N PRO A 70 9.13 -18.61 40.74
CA PRO A 70 9.84 -17.46 40.20
C PRO A 70 9.10 -16.86 39.02
N VAL A 71 9.49 -15.65 38.67
CA VAL A 71 9.00 -15.02 37.45
C VAL A 71 10.13 -15.07 36.43
N VAL A 72 9.76 -15.22 35.16
CA VAL A 72 10.73 -15.15 34.08
C VAL A 72 10.08 -14.38 32.93
N VAL A 73 10.95 -13.84 32.08
CA VAL A 73 10.58 -12.93 31.00
C VAL A 73 11.04 -13.57 29.70
N VAL A 74 10.16 -13.56 28.70
CA VAL A 74 10.44 -14.10 27.37
C VAL A 74 10.11 -13.01 26.36
N PHE A 75 10.91 -12.93 25.31
CA PHE A 75 10.75 -11.90 24.28
C PHE A 75 11.01 -12.56 22.94
N CYS A 76 10.15 -12.29 21.95
N CYS A 76 10.15 -12.27 21.95
CA CYS A 76 10.23 -12.97 20.64
CA CYS A 76 10.18 -12.90 20.64
C CYS A 76 10.71 -12.01 19.57
C CYS A 76 10.74 -11.95 19.60
N LEU A 77 11.90 -12.28 19.04
CA LEU A 77 12.48 -11.49 17.96
C LEU A 77 11.90 -12.02 16.66
N THR A 78 10.93 -11.32 16.10
CA THR A 78 10.25 -11.83 14.93
C THR A 78 10.94 -11.27 13.69
N ASP A 79 10.39 -11.54 12.52
CA ASP A 79 10.99 -11.10 11.26
C ASP A 79 10.46 -9.78 10.78
N GLU A 80 9.56 -9.15 11.53
CA GLU A 80 9.12 -7.82 11.15
C GLU A 80 10.29 -6.85 11.03
N PHE A 81 11.42 -7.10 11.71
CA PHE A 81 12.55 -6.16 11.66
C PHE A 81 13.06 -5.96 10.24
N LEU A 82 12.81 -6.92 9.34
CA LEU A 82 13.20 -6.78 7.94
C LEU A 82 12.38 -5.76 7.17
N GLU A 83 11.33 -5.23 7.76
CA GLU A 83 10.54 -4.23 7.07
C GLU A 83 11.02 -2.82 7.34
N ALA A 84 11.78 -2.60 8.42
CA ALA A 84 12.37 -1.29 8.68
C ALA A 84 13.86 -1.35 8.39
N GLY A 85 14.66 -0.67 9.21
CA GLY A 85 16.07 -0.51 8.90
C GLY A 85 16.96 -0.75 10.11
N ILE A 86 18.26 -0.74 9.83
CA ILE A 86 19.25 -0.92 10.91
C ILE A 86 18.93 0.04 12.06
N ARG A 87 18.47 1.25 11.73
CA ARG A 87 18.37 2.30 12.76
C ARG A 87 17.43 1.91 13.89
N GLN A 88 16.26 1.35 13.57
CA GLN A 88 15.32 0.95 14.63
C GLN A 88 15.79 -0.31 15.35
N TYR A 89 16.50 -1.20 14.64
CA TYR A 89 16.76 -2.56 15.11
C TYR A 89 17.98 -2.61 16.02
N GLU A 90 19.00 -1.80 15.72
CA GLU A 90 20.07 -1.56 16.68
C GLU A 90 19.57 -0.81 17.90
N PHE A 91 18.65 0.14 17.71
CA PHE A 91 18.11 0.90 18.83
C PHE A 91 17.34 0.00 19.77
N MET A 92 16.68 -1.03 19.23
CA MET A 92 15.90 -1.93 20.08
C MET A 92 16.80 -2.95 20.74
N LEU A 93 17.74 -3.52 20.00
CA LEU A 93 18.54 -4.61 20.57
C LEU A 93 19.50 -4.09 21.63
N LYS A 94 20.13 -2.94 21.39
CA LYS A 94 20.96 -2.36 22.44
C LYS A 94 20.15 -2.05 23.70
N GLY A 95 18.86 -1.71 23.56
CA GLY A 95 18.02 -1.59 24.74
C GLY A 95 17.82 -2.92 25.46
N LEU A 96 17.46 -3.98 24.72
CA LEU A 96 17.29 -5.32 25.29
C LEU A 96 18.58 -5.84 25.93
N GLN A 97 19.75 -5.46 25.42
CA GLN A 97 20.97 -5.92 26.08
C GLN A 97 21.09 -5.32 27.48
N GLU A 98 20.88 -4.00 27.60
CA GLU A 98 20.92 -3.37 28.91
C GLU A 98 19.87 -3.97 29.84
N LEU A 99 18.64 -4.07 29.34
CA LEU A 99 17.53 -4.64 30.09
C LEU A 99 17.87 -6.03 30.62
N GLU A 100 18.43 -6.88 29.75
CA GLU A 100 18.84 -8.20 30.19
C GLU A 100 19.65 -8.11 31.46
N VAL A 101 20.71 -7.30 31.45
CA VAL A 101 21.53 -7.10 32.64
C VAL A 101 20.67 -6.63 33.79
N SER A 102 19.88 -5.58 33.55
CA SER A 102 18.98 -5.06 34.58
C SER A 102 18.23 -6.20 35.25
N LEU A 103 17.67 -7.09 34.44
CA LEU A 103 16.78 -8.14 34.95
C LEU A 103 17.55 -9.18 35.76
N SER A 104 18.65 -9.69 35.20
CA SER A 104 19.40 -10.73 35.89
C SER A 104 19.88 -10.26 37.25
N ARG A 105 20.18 -8.96 37.36
CA ARG A 105 20.52 -8.41 38.66
C ARG A 105 19.34 -8.52 39.63
N LYS A 106 18.11 -8.51 39.13
CA LYS A 106 16.96 -8.78 39.98
C LYS A 106 16.65 -10.28 40.05
N LYS A 107 17.57 -11.11 39.59
CA LYS A 107 17.42 -12.56 39.59
C LYS A 107 16.20 -12.99 38.79
N ILE A 108 15.85 -12.20 37.77
CA ILE A 108 14.80 -12.56 36.83
C ILE A 108 15.47 -12.89 35.50
N PRO A 109 15.53 -14.15 35.11
CA PRO A 109 16.17 -14.50 33.83
C PRO A 109 15.34 -13.96 32.66
N SER A 110 16.00 -13.87 31.53
CA SER A 110 15.36 -13.38 30.33
C SER A 110 15.66 -14.37 29.22
N PHE A 111 14.62 -14.78 28.51
CA PHE A 111 14.80 -15.62 27.34
C PHE A 111 14.36 -14.86 26.10
N PHE A 112 14.97 -15.26 24.99
CA PHE A 112 14.82 -14.54 23.72
C PHE A 112 14.63 -15.61 22.65
N LEU A 113 13.43 -15.64 22.08
CA LEU A 113 13.11 -16.61 21.04
C LEU A 113 13.13 -15.90 19.69
N ARG A 114 13.23 -16.69 18.62
CA ARG A 114 13.41 -16.15 17.28
C ARG A 114 12.44 -16.85 16.32
N GLY A 115 11.28 -16.23 16.11
CA GLY A 115 10.29 -16.83 15.23
C GLY A 115 8.92 -16.22 15.49
N ASP A 116 7.90 -17.01 15.15
CA ASP A 116 6.50 -16.56 15.18
C ASP A 116 5.96 -16.63 16.61
N PRO A 117 5.56 -15.52 17.21
CA PRO A 117 5.02 -15.60 18.59
C PRO A 117 3.90 -16.59 18.74
N GLY A 118 3.09 -16.81 17.70
CA GLY A 118 2.04 -17.79 17.81
C GLY A 118 2.60 -19.18 18.05
N GLU A 119 3.66 -19.53 17.31
CA GLU A 119 4.26 -20.84 17.49
C GLU A 119 5.24 -20.88 18.66
N LYS A 120 6.17 -19.92 18.71
CA LYS A 120 7.30 -20.02 19.65
C LYS A 120 6.84 -19.89 21.10
N ILE A 121 5.94 -18.94 21.39
CA ILE A 121 5.47 -18.75 22.77
C ILE A 121 4.75 -20.00 23.25
N SER A 122 3.76 -20.48 22.48
CA SER A 122 3.06 -21.72 22.81
C SER A 122 4.03 -22.83 23.17
N ARG A 123 4.98 -23.12 22.28
CA ARG A 123 5.97 -24.16 22.53
C ARG A 123 6.66 -23.93 23.85
N PHE A 124 7.16 -22.70 24.06
CA PHE A 124 7.90 -22.36 25.25
C PHE A 124 7.08 -22.62 26.50
N VAL A 125 5.82 -22.18 26.49
CA VAL A 125 4.99 -22.33 27.68
C VAL A 125 4.85 -23.80 28.05
N LYS A 126 4.65 -24.66 27.05
CA LYS A 126 4.62 -26.09 27.32
C LYS A 126 5.99 -26.57 27.79
N ASP A 127 7.04 -26.24 27.02
CA ASP A 127 8.42 -26.62 27.34
C ASP A 127 8.77 -26.43 28.80
N TYR A 128 8.48 -25.24 29.35
CA TYR A 128 8.90 -24.87 30.69
C TYR A 128 7.81 -25.04 31.75
N ASN A 129 6.65 -25.63 31.39
CA ASN A 129 5.58 -25.93 32.35
C ASN A 129 5.10 -24.68 33.09
N ALA A 130 4.89 -23.59 32.34
CA ALA A 130 4.55 -22.30 32.93
C ALA A 130 3.27 -22.36 33.76
N GLY A 131 3.30 -21.69 34.91
CA GLY A 131 2.13 -21.72 35.78
C GLY A 131 1.01 -20.85 35.24
N THR A 132 1.33 -19.62 34.84
CA THR A 132 0.39 -18.62 34.32
C THR A 132 1.12 -17.80 33.26
N LEU A 133 0.37 -17.24 32.30
CA LEU A 133 0.95 -16.43 31.23
C LEU A 133 0.45 -15.00 31.31
N VAL A 134 1.35 -14.06 31.04
CA VAL A 134 1.12 -12.62 31.22
C VAL A 134 1.78 -11.89 30.06
N THR A 135 1.03 -11.00 29.41
CA THR A 135 1.58 -10.16 28.34
C THR A 135 1.14 -8.71 28.51
N ASP A 136 1.96 -7.79 28.03
CA ASP A 136 1.52 -6.40 28.05
C ASP A 136 0.56 -6.15 26.89
N PHE A 137 -0.06 -4.95 26.87
CA PHE A 137 -1.12 -4.59 25.91
C PHE A 137 -0.62 -3.76 24.74
N SER A 138 -1.16 -4.05 23.55
CA SER A 138 -0.96 -3.17 22.39
C SER A 138 -2.13 -3.33 21.46
N PRO A 139 -2.68 -2.24 20.92
CA PRO A 139 -3.85 -2.33 20.04
C PRO A 139 -3.57 -2.82 18.63
N LEU A 140 -2.32 -2.91 18.20
CA LEU A 140 -2.04 -3.16 16.79
C LEU A 140 -2.52 -4.54 16.38
N ARG A 141 -3.16 -4.61 15.21
CA ARG A 141 -3.79 -5.80 14.66
C ARG A 141 -3.03 -7.10 14.93
N ILE A 142 -1.71 -7.05 14.76
CA ILE A 142 -1.00 -8.31 14.64
C ILE A 142 -0.77 -8.95 16.01
N LYS A 143 -0.70 -8.14 17.07
CA LYS A 143 -0.56 -8.70 18.41
C LYS A 143 -1.79 -9.48 18.83
N ASN A 144 -2.97 -9.05 18.36
CA ASN A 144 -4.17 -9.83 18.67
C ASN A 144 -4.18 -11.12 17.87
N GLN A 145 -3.67 -11.10 16.65
CA GLN A 145 -3.54 -12.36 15.93
C GLN A 145 -2.69 -13.34 16.74
N TRP A 146 -1.49 -12.91 17.16
CA TRP A 146 -0.63 -13.80 17.96
C TRP A 146 -1.36 -14.29 19.20
N ILE A 147 -2.00 -13.38 19.93
CA ILE A 147 -2.71 -13.76 21.15
C ILE A 147 -3.73 -14.83 20.86
N GLU A 148 -4.51 -14.66 19.78
CA GLU A 148 -5.51 -15.67 19.46
C GLU A 148 -4.83 -17.02 19.23
N LYS A 149 -3.88 -17.06 18.29
CA LYS A 149 -3.03 -18.23 18.12
C LYS A 149 -2.51 -18.76 19.45
N VAL A 150 -2.10 -17.88 20.38
CA VAL A 150 -1.51 -18.39 21.61
C VAL A 150 -2.55 -19.11 22.46
N ILE A 151 -3.76 -18.54 22.57
CA ILE A 151 -4.77 -19.15 23.42
C ILE A 151 -5.09 -20.56 22.96
N SER A 152 -5.17 -20.77 21.63
CA SER A 152 -5.46 -22.11 21.13
C SER A 152 -4.35 -23.09 21.47
N GLY A 153 -3.13 -22.59 21.69
CA GLY A 153 -2.00 -23.46 21.96
C GLY A 153 -1.67 -23.75 23.42
N ILE A 154 -2.30 -23.05 24.36
CA ILE A 154 -2.00 -23.24 25.78
C ILE A 154 -3.28 -23.63 26.49
N SER A 155 -3.11 -23.99 27.76
CA SER A 155 -4.19 -24.40 28.63
C SER A 155 -4.14 -23.72 29.98
N ILE A 156 -3.13 -22.90 30.24
CA ILE A 156 -3.03 -22.21 31.52
C ILE A 156 -3.74 -20.87 31.41
N PRO A 157 -4.01 -20.18 32.52
CA PRO A 157 -4.57 -18.85 32.44
C PRO A 157 -3.63 -17.87 31.76
N PHE A 158 -4.23 -16.89 31.09
CA PHE A 158 -3.54 -15.95 30.23
C PHE A 158 -4.05 -14.57 30.61
N PHE A 159 -3.16 -13.68 31.01
CA PHE A 159 -3.60 -12.36 31.41
C PHE A 159 -2.93 -11.30 30.55
N GLU A 160 -3.55 -10.13 30.53
CA GLU A 160 -3.05 -8.99 29.80
C GLU A 160 -3.10 -7.79 30.72
N VAL A 161 -2.07 -6.97 30.67
CA VAL A 161 -2.00 -5.79 31.53
C VAL A 161 -1.72 -4.58 30.66
N ASP A 162 -2.51 -3.52 30.85
CA ASP A 162 -2.15 -2.23 30.25
C ASP A 162 -1.08 -1.60 31.12
N ALA A 163 0.14 -1.57 30.62
CA ALA A 163 1.25 -0.92 31.31
C ALA A 163 1.82 0.22 30.49
N HIS A 164 1.14 0.64 29.42
CA HIS A 164 1.59 1.75 28.58
C HIS A 164 0.81 3.02 28.80
N ASN A 165 -0.44 2.90 29.22
CA ASN A 165 -1.35 4.03 29.33
C ASN A 165 -1.56 4.30 30.81
N VAL A 166 -1.67 5.56 31.19
CA VAL A 166 -2.00 5.85 32.58
C VAL A 166 -3.37 5.27 32.93
N VAL A 167 -4.36 5.46 32.07
CA VAL A 167 -5.68 4.88 32.29
C VAL A 167 -5.88 3.75 31.28
N PRO A 168 -6.11 2.50 31.71
CA PRO A 168 -6.13 1.37 30.78
C PRO A 168 -7.06 1.62 29.61
N CYS A 169 -6.56 1.30 28.41
CA CYS A 169 -7.26 1.65 27.18
C CYS A 169 -8.75 1.29 27.25
N TRP A 170 -9.05 0.06 27.64
CA TRP A 170 -10.43 -0.36 27.65
C TRP A 170 -11.22 0.23 28.81
N GLU A 171 -10.54 0.83 29.78
CA GLU A 171 -11.27 1.48 30.87
C GLU A 171 -11.61 2.93 30.55
N ALA A 172 -10.71 3.63 29.84
CA ALA A 172 -10.88 5.08 29.60
C ALA A 172 -12.12 5.37 28.75
N SER A 173 -12.35 4.51 27.77
CA SER A 173 -13.57 4.63 26.93
C SER A 173 -13.93 3.26 26.35
N GLN A 174 -15.21 3.06 26.10
CA GLN A 174 -15.70 1.83 25.47
C GLN A 174 -16.04 2.03 24.00
N LYS A 175 -15.69 3.19 23.45
CA LYS A 175 -16.08 3.51 22.05
C LYS A 175 -15.05 4.40 21.36
N HIS A 176 -15.05 4.42 20.03
CA HIS A 176 -14.17 5.36 19.29
C HIS A 176 -14.56 6.78 19.71
N GLU A 177 -13.58 7.54 20.19
CA GLU A 177 -13.87 8.95 20.53
C GLU A 177 -13.71 9.80 19.26
N TYR A 178 -14.73 10.57 18.92
CA TYR A 178 -14.70 11.46 17.73
C TYR A 178 -13.58 12.49 17.89
N ALA A 179 -13.35 12.97 19.11
CA ALA A 179 -12.34 14.04 19.26
C ALA A 179 -11.73 14.10 20.65
N ALA A 180 -10.58 14.74 20.73
CA ALA A 180 -9.93 14.98 22.01
C ALA A 180 -10.90 15.57 23.02
N HIS A 181 -11.68 16.57 22.59
CA HIS A 181 -12.51 17.33 23.52
C HIS A 181 -13.68 16.52 24.04
N THR A 182 -13.86 15.32 23.52
CA THR A 182 -14.90 14.39 24.05
C THR A 182 -14.19 13.37 24.95
N PHE A 183 -12.99 12.96 24.58
CA PHE A 183 -12.21 11.95 25.36
C PHE A 183 -11.63 12.64 26.60
N ARG A 184 -11.24 13.90 26.45
CA ARG A 184 -10.61 14.61 27.57
C ARG A 184 -11.40 14.61 28.88
N PRO A 185 -12.71 14.93 28.91
CA PRO A 185 -13.44 14.80 30.18
C PRO A 185 -13.48 13.37 30.69
N LYS A 186 -13.56 12.40 29.79
CA LYS A 186 -13.58 10.99 30.23
C LYS A 186 -12.23 10.65 30.88
N LEU A 187 -11.14 11.18 30.37
CA LEU A 187 -9.83 10.77 30.87
C LEU A 187 -9.53 11.42 32.21
N TYR A 188 -9.78 12.74 32.34
CA TYR A 188 -9.40 13.43 33.57
C TYR A 188 -10.25 13.05 34.74
N ALA A 189 -11.44 12.46 34.51
CA ALA A 189 -12.23 11.96 35.63
C ALA A 189 -11.59 10.73 36.24
N LEU A 190 -10.86 9.95 35.44
CA LEU A 190 -10.25 8.73 35.95
C LEU A 190 -8.78 8.93 36.32
N LEU A 191 -8.18 10.06 35.95
CA LEU A 191 -6.79 10.30 36.37
C LEU A 191 -6.57 10.19 37.87
N PRO A 192 -7.40 10.80 38.74
CA PRO A 192 -7.10 10.72 40.18
C PRO A 192 -6.91 9.29 40.69
N GLU A 193 -7.50 8.33 39.97
CA GLU A 193 -7.50 6.93 40.40
C GLU A 193 -6.33 6.14 39.82
N PHE A 194 -5.86 6.49 38.63
CA PHE A 194 -4.83 5.69 38.00
C PHE A 194 -3.46 6.37 37.96
N LEU A 195 -3.36 7.68 38.19
CA LEU A 195 -2.08 8.34 38.36
C LEU A 195 -1.59 8.08 39.78
N GLU A 196 -0.54 7.27 39.91
CA GLU A 196 -0.04 6.82 41.20
C GLU A 196 1.41 6.42 41.05
N GLU A 197 2.09 6.31 42.18
CA GLU A 197 3.47 5.87 42.16
C GLU A 197 3.55 4.37 41.87
N PHE A 198 4.72 3.95 41.46
CA PHE A 198 5.04 2.57 41.15
C PHE A 198 5.71 1.95 42.37
N PRO A 199 5.36 0.72 42.72
CA PRO A 199 6.07 0.02 43.80
C PRO A 199 7.37 -0.57 43.27
N GLU A 200 8.12 -1.19 44.16
CA GLU A 200 9.42 -1.73 43.83
C GLU A 200 9.29 -3.09 43.15
N LEU A 201 10.06 -3.29 42.10
CA LEU A 201 10.16 -4.63 41.55
C LEU A 201 10.97 -5.47 42.54
N GLU A 202 10.28 -6.25 43.35
CA GLU A 202 10.93 -7.14 44.30
C GLU A 202 11.68 -8.25 43.55
N PRO A 203 12.97 -8.48 43.86
CA PRO A 203 13.72 -9.53 43.15
C PRO A 203 13.14 -10.93 43.37
N ASN A 204 13.53 -11.85 42.50
CA ASN A 204 13.07 -13.24 42.67
C ASN A 204 13.61 -13.83 43.99
N SER A 205 12.88 -14.81 44.52
CA SER A 205 13.28 -15.52 45.73
C SER A 205 13.72 -16.94 45.42
N VAL A 206 12.80 -17.75 44.90
CA VAL A 206 13.18 -18.98 44.20
C VAL A 206 13.93 -18.59 42.93
N THR A 207 14.86 -19.45 42.52
CA THR A 207 15.78 -19.11 41.45
C THR A 207 15.27 -19.50 40.05
N THR A 219 22.04 -16.13 21.60
CA THR A 219 22.64 -15.03 22.37
C THR A 219 22.37 -13.67 21.70
N LEU A 220 22.07 -12.64 22.52
CA LEU A 220 21.60 -11.38 21.96
C LEU A 220 22.62 -10.75 21.02
N SER A 221 23.90 -10.86 21.36
CA SER A 221 24.91 -10.23 20.51
C SER A 221 24.99 -10.88 19.14
N ASP A 222 24.86 -12.22 19.07
CA ASP A 222 24.84 -12.88 17.77
C ASP A 222 23.66 -12.42 16.93
N VAL A 223 22.48 -12.33 17.54
CA VAL A 223 21.29 -11.89 16.80
C VAL A 223 21.53 -10.52 16.14
N LEU A 224 22.10 -9.58 16.91
CA LEU A 224 22.31 -8.23 16.41
C LEU A 224 23.30 -8.21 15.25
N GLU A 225 24.38 -9.00 15.33
CA GLU A 225 25.29 -9.03 14.19
C GLU A 225 24.66 -9.73 13.00
N THR A 226 23.77 -10.69 13.25
CA THR A 226 23.08 -11.38 12.16
C THR A 226 22.08 -10.45 11.47
N GLY A 227 21.31 -9.70 12.25
CA GLY A 227 20.29 -8.85 11.67
C GLY A 227 20.87 -7.77 10.80
N VAL A 228 21.93 -7.11 11.28
CA VAL A 228 22.52 -6.03 10.48
C VAL A 228 22.99 -6.56 9.15
N LYS A 229 23.70 -7.70 9.17
CA LYS A 229 24.20 -8.26 7.91
C LYS A 229 23.06 -8.51 6.93
N ALA A 230 21.84 -8.77 7.43
CA ALA A 230 20.70 -8.92 6.54
C ALA A 230 20.21 -7.56 6.04
N LEU A 231 20.15 -6.58 6.94
CA LEU A 231 19.62 -5.27 6.59
C LEU A 231 20.61 -4.42 5.81
N LEU A 232 21.89 -4.80 5.81
CA LEU A 232 22.93 -3.93 5.27
C LEU A 232 22.67 -3.57 3.81
N PRO A 233 22.35 -4.50 2.90
CA PRO A 233 22.06 -4.10 1.52
C PRO A 233 21.04 -2.98 1.40
N GLU A 234 20.22 -2.80 2.42
CA GLU A 234 19.10 -1.87 2.41
C GLU A 234 19.43 -0.50 3.01
N ARG A 235 20.67 -0.28 3.44
CA ARG A 235 21.00 0.95 4.19
C ARG A 235 20.73 2.19 3.35
N ALA A 236 20.28 3.27 4.00
CA ALA A 236 20.09 4.55 3.33
C ALA A 236 21.42 5.28 3.23
N LEU A 237 22.07 5.21 2.07
CA LEU A 237 23.44 5.71 1.92
C LEU A 237 23.50 7.04 1.16
N LEU A 238 24.60 7.76 1.40
CA LEU A 238 25.02 8.96 0.70
C LEU A 238 25.71 8.58 -0.61
N LYS A 239 25.95 9.61 -1.46
CA LYS A 239 26.64 9.35 -2.71
C LYS A 239 28.03 8.76 -2.46
N ASN A 240 28.71 9.24 -1.41
CA ASN A 240 30.06 8.77 -1.15
C ASN A 240 29.99 7.54 -0.25
N LYS A 241 28.94 6.75 -0.40
CA LYS A 241 28.74 5.49 0.31
C LYS A 241 28.63 5.65 1.82
N ASP A 242 28.60 6.91 2.35
CA ASP A 242 28.44 7.07 3.80
C ASP A 242 26.98 6.84 4.19
N PRO A 243 26.73 6.21 5.34
CA PRO A 243 25.35 6.10 5.80
C PRO A 243 24.73 7.47 6.02
N LEU A 244 23.46 7.59 5.69
CA LEU A 244 22.73 8.79 6.04
C LEU A 244 22.57 8.87 7.56
N PHE A 245 22.13 7.78 8.18
CA PHE A 245 21.65 7.86 9.54
C PHE A 245 22.75 8.26 10.51
N GLU A 246 22.45 9.25 11.35
CA GLU A 246 23.39 9.72 12.36
C GLU A 246 22.97 9.17 13.72
N PRO A 247 23.66 8.15 14.24
CA PRO A 247 23.20 7.44 15.45
C PRO A 247 23.46 8.13 16.77
N TRP A 248 23.96 9.37 16.78
CA TRP A 248 24.31 10.04 18.03
C TRP A 248 23.22 10.93 18.62
N HIS A 249 22.02 11.02 18.01
CA HIS A 249 21.09 12.00 18.55
C HIS A 249 20.33 11.45 19.74
N PHE A 250 20.15 10.12 19.79
CA PHE A 250 19.39 9.44 20.86
C PHE A 250 20.12 8.16 21.23
N GLU A 251 20.73 8.14 22.41
CA GLU A 251 21.34 6.90 22.93
CA GLU A 251 21.33 6.90 22.92
C GLU A 251 20.23 5.98 23.44
N PRO A 252 20.23 4.71 23.07
CA PRO A 252 19.12 3.84 23.49
C PRO A 252 19.29 3.28 24.88
N GLY A 253 18.16 2.97 25.52
CA GLY A 253 18.17 2.23 26.76
C GLY A 253 17.39 2.87 27.87
N GLU A 254 17.07 2.09 28.90
CA GLU A 254 16.31 2.61 30.04
C GLU A 254 17.06 3.71 30.76
N LYS A 255 18.35 3.53 30.99
CA LYS A 255 19.14 4.56 31.65
C LYS A 255 19.09 5.87 30.87
N ALA A 256 19.47 5.83 29.58
CA ALA A 256 19.49 7.06 28.80
C ALA A 256 18.11 7.69 28.77
N ALA A 257 17.07 6.87 28.63
CA ALA A 257 15.70 7.41 28.59
C ALA A 257 15.45 8.30 29.79
N LYS A 258 15.82 7.83 31.00
CA LYS A 258 15.64 8.66 32.19
C LYS A 258 16.42 9.96 32.09
N LYS A 259 17.67 9.90 31.62
CA LYS A 259 18.45 11.14 31.53
C LYS A 259 17.82 12.13 30.56
N VAL A 260 17.26 11.64 29.45
CA VAL A 260 16.52 12.50 28.54
C VAL A 260 15.32 13.15 29.25
N MET A 261 14.48 12.35 29.90
CA MET A 261 13.34 12.92 30.63
C MET A 261 13.81 13.97 31.63
N GLU A 262 14.83 13.62 32.42
CA GLU A 262 15.39 14.53 33.41
C GLU A 262 15.78 15.84 32.77
N SER A 263 16.34 15.78 31.56
CA SER A 263 16.93 16.95 30.91
C SER A 263 15.86 17.85 30.29
N PHE A 264 14.83 17.23 29.70
CA PHE A 264 13.63 17.96 29.32
C PHE A 264 13.05 18.74 30.50
N ILE A 265 13.11 18.20 31.70
CA ILE A 265 12.40 18.91 32.76
C ILE A 265 13.22 20.09 33.26
N ALA A 266 14.53 20.02 33.11
CA ALA A 266 15.42 21.06 33.61
C ALA A 266 15.49 22.25 32.66
N ASP A 267 15.63 22.01 31.36
CA ASP A 267 15.91 23.08 30.40
C ASP A 267 14.72 23.49 29.53
N ARG A 268 13.95 22.50 29.05
CA ARG A 268 13.01 22.70 27.95
C ARG A 268 11.55 22.75 28.40
N LEU A 269 11.19 22.13 29.52
CA LEU A 269 9.79 22.15 29.96
C LEU A 269 9.27 23.58 29.99
N ASP A 270 9.98 24.46 30.71
CA ASP A 270 9.62 25.87 30.85
C ASP A 270 9.24 26.53 29.50
N SER A 271 9.99 26.25 28.43
CA SER A 271 9.73 26.86 27.14
C SER A 271 8.80 26.03 26.25
N TYR A 272 8.27 24.91 26.73
CA TYR A 272 7.58 23.99 25.82
C TYR A 272 6.35 24.65 25.19
N GLY A 273 5.50 25.25 26.01
CA GLY A 273 4.27 25.81 25.49
C GLY A 273 4.49 26.82 24.39
N ALA A 274 5.56 27.60 24.48
CA ALA A 274 5.78 28.73 23.58
C ALA A 274 6.58 28.35 22.34
N LEU A 275 7.52 27.41 22.46
CA LEU A 275 8.40 27.05 21.35
C LEU A 275 8.26 25.60 20.90
N ARG A 276 7.23 24.90 21.37
CA ARG A 276 7.07 23.52 20.94
C ARG A 276 6.93 23.43 19.41
N ASN A 277 6.26 24.42 18.79
CA ASN A 277 5.87 24.37 17.38
C ASN A 277 6.86 25.10 16.44
N ASP A 278 8.14 25.17 16.80
CA ASP A 278 9.14 25.94 16.04
C ASP A 278 10.29 25.04 15.62
N PRO A 279 10.32 24.55 14.37
CA PRO A 279 11.31 23.53 13.99
C PRO A 279 12.75 23.93 14.19
N THR A 280 13.05 25.22 14.43
CA THR A 280 14.42 25.66 14.56
C THR A 280 14.90 25.70 16.00
N LYS A 281 14.06 25.34 16.96
CA LYS A 281 14.45 25.27 18.36
C LYS A 281 14.29 23.83 18.84
N ASN A 282 15.35 23.26 19.41
CA ASN A 282 15.23 21.92 19.99
C ASN A 282 14.53 22.02 21.34
N MET A 283 13.19 22.08 21.31
CA MET A 283 12.39 22.23 22.52
C MET A 283 11.36 21.13 22.74
N LEU A 284 11.46 20.00 22.05
CA LEU A 284 10.60 18.87 22.36
C LEU A 284 11.23 18.02 23.47
N SER A 285 10.40 17.23 24.15
CA SER A 285 10.96 16.28 25.11
C SER A 285 11.94 15.32 24.45
N ASN A 286 11.70 14.99 23.17
CA ASN A 286 12.41 13.92 22.47
C ASN A 286 12.21 12.58 23.14
N LEU A 287 11.04 12.36 23.76
CA LEU A 287 10.82 11.05 24.38
C LEU A 287 10.26 10.01 23.43
N SER A 288 9.65 10.40 22.31
CA SER A 288 8.89 9.42 21.55
C SER A 288 9.67 8.16 21.12
N PRO A 289 10.97 8.20 20.77
CA PRO A 289 11.67 6.92 20.52
C PRO A 289 11.72 6.02 21.74
N TYR A 290 11.83 6.58 22.96
CA TYR A 290 11.89 5.69 24.11
C TYR A 290 10.51 5.14 24.38
N LEU A 291 9.48 6.01 24.27
CA LEU A 291 8.14 5.57 24.63
C LEU A 291 7.70 4.46 23.69
N HIS A 292 7.97 4.65 22.38
CA HIS A 292 7.54 3.66 21.40
C HIS A 292 7.93 2.26 21.85
N PHE A 293 9.22 2.07 22.11
CA PHE A 293 9.77 0.80 22.56
C PHE A 293 9.47 0.50 24.03
N GLY A 294 8.74 1.38 24.73
CA GLY A 294 8.47 1.18 26.16
C GLY A 294 9.70 1.26 27.05
N GLN A 295 10.82 1.80 26.55
CA GLN A 295 12.02 1.95 27.36
C GLN A 295 11.86 2.94 28.52
N ILE A 296 10.78 3.71 28.57
CA ILE A 296 10.42 4.44 29.79
C ILE A 296 8.90 4.56 29.85
N SER A 297 8.35 4.55 31.07
CA SER A 297 6.90 4.68 31.30
C SER A 297 6.39 6.12 31.18
N SER A 298 5.28 6.32 30.48
CA SER A 298 4.72 7.66 30.40
C SER A 298 3.97 8.02 31.66
N GLN A 299 3.49 7.03 32.41
CA GLN A 299 3.01 7.31 33.75
C GLN A 299 4.08 7.98 34.58
N ARG A 300 5.34 7.58 34.41
CA ARG A 300 6.42 8.18 35.19
C ARG A 300 6.64 9.62 34.80
N VAL A 301 6.75 9.88 33.48
CA VAL A 301 6.88 11.26 33.00
C VAL A 301 5.77 12.13 33.59
N VAL A 302 4.52 11.66 33.49
CA VAL A 302 3.41 12.42 34.07
C VAL A 302 3.67 12.72 35.53
N LEU A 303 4.12 11.71 36.28
CA LEU A 303 4.33 11.90 37.72
C LEU A 303 5.36 12.98 37.95
N GLU A 304 6.46 12.94 37.17
CA GLU A 304 7.55 13.90 37.33
C GLU A 304 7.19 15.29 36.80
N VAL A 305 6.51 15.38 35.67
CA VAL A 305 6.07 16.70 35.20
C VAL A 305 5.08 17.31 36.17
N GLU A 306 4.07 16.53 36.61
CA GLU A 306 3.12 17.08 37.56
C GLU A 306 3.86 17.77 38.71
N LYS A 307 4.84 17.07 39.30
CA LYS A 307 5.52 17.59 40.50
C LYS A 307 6.51 18.71 40.18
N ALA A 308 6.89 18.88 38.92
CA ALA A 308 7.75 19.99 38.55
C ALA A 308 6.99 21.31 38.71
N GLU A 309 7.69 22.33 39.20
CA GLU A 309 7.22 23.71 39.09
C GLU A 309 7.72 24.29 37.78
N SER A 310 6.81 24.75 36.94
CA SER A 310 7.23 25.64 35.87
C SER A 310 6.01 26.42 35.38
N ASN A 311 6.17 27.07 34.24
CA ASN A 311 5.10 27.77 33.55
C ASN A 311 3.88 26.84 33.54
N PRO A 312 2.76 27.23 34.16
CA PRO A 312 1.56 26.39 34.07
C PRO A 312 1.17 26.10 32.63
N GLY A 313 1.27 27.08 31.74
CA GLY A 313 0.85 26.86 30.36
C GLY A 313 1.65 25.78 29.66
N SER A 314 2.95 25.67 29.99
CA SER A 314 3.78 24.62 29.38
C SER A 314 3.39 23.24 29.92
N LYS A 315 3.33 23.10 31.26
CA LYS A 315 2.85 21.87 31.87
C LYS A 315 1.50 21.47 31.29
N LYS A 316 0.58 22.42 31.17
CA LYS A 316 -0.71 22.07 30.60
C LYS A 316 -0.56 21.64 29.14
N ALA A 317 0.18 22.42 28.36
CA ALA A 317 0.45 22.02 26.98
C ALA A 317 0.99 20.60 26.89
N PHE A 318 2.06 20.31 27.66
CA PHE A 318 2.74 19.00 27.58
C PHE A 318 1.83 17.86 28.05
N LEU A 319 1.13 18.06 29.15
CA LEU A 319 0.27 17.01 29.71
C LEU A 319 -0.83 16.62 28.73
N ASP A 320 -1.40 17.60 27.99
CA ASP A 320 -2.40 17.30 26.97
C ASP A 320 -1.84 16.39 25.88
N GLU A 321 -0.55 16.53 25.58
CA GLU A 321 0.06 15.75 24.52
C GLU A 321 0.30 14.32 25.00
N ILE A 322 0.94 14.16 26.16
CA ILE A 322 1.28 12.81 26.63
C ILE A 322 0.07 12.09 27.22
N LEU A 323 -0.90 12.80 27.76
CA LEU A 323 -2.13 12.14 28.24
C LEU A 323 -3.14 11.98 27.11
N ILE A 324 -3.73 13.08 26.65
CA ILE A 324 -4.89 12.97 25.75
C ILE A 324 -4.47 12.38 24.40
N TRP A 325 -3.45 12.95 23.79
CA TRP A 325 -3.16 12.61 22.41
C TRP A 325 -2.45 11.29 22.28
N LYS A 326 -1.63 10.93 23.26
CA LYS A 326 -1.00 9.61 23.24
C LYS A 326 -2.02 8.48 23.31
N GLU A 327 -3.00 8.61 24.21
CA GLU A 327 -3.88 7.51 24.60
C GLU A 327 -5.16 7.44 23.77
N ILE A 328 -5.61 8.57 23.23
CA ILE A 328 -6.77 8.54 22.28
C ILE A 328 -6.25 7.86 21.03
N SER A 329 -4.92 7.89 20.84
CA SER A 329 -4.36 7.16 19.71
C SER A 329 -4.46 5.65 19.92
N ASP A 330 -4.07 5.17 21.11
CA ASP A 330 -4.35 3.78 21.45
C ASP A 330 -5.84 3.49 21.30
N ASN A 331 -6.70 4.44 21.65
CA ASN A 331 -8.18 4.23 21.54
C ASN A 331 -8.55 4.05 20.07
N PHE A 332 -7.95 4.87 19.22
CA PHE A 332 -8.28 4.79 17.79
C PHE A 332 -8.04 3.38 17.25
N CYS A 333 -6.78 2.92 17.28
CA CYS A 333 -6.47 1.59 16.75
C CYS A 333 -7.29 0.51 17.43
N TYR A 334 -7.42 0.57 18.75
CA TYR A 334 -8.09 -0.51 19.45
C TYR A 334 -9.52 -0.64 19.03
N TYR A 335 -10.20 0.44 18.66
CA TYR A 335 -11.58 0.32 18.22
C TYR A 335 -11.76 0.47 16.70
N ASN A 336 -10.69 0.70 15.94
CA ASN A 336 -10.78 0.71 14.49
C ASN A 336 -9.71 -0.22 13.91
N PRO A 337 -10.06 -1.49 13.67
CA PRO A 337 -9.05 -2.44 13.17
C PRO A 337 -8.52 -2.04 11.80
N GLY A 338 -9.31 -1.31 11.00
CA GLY A 338 -8.82 -0.72 9.76
C GLY A 338 -8.13 0.63 9.93
N TYR A 339 -7.33 0.78 11.00
CA TYR A 339 -6.73 2.08 11.30
C TYR A 339 -5.72 2.56 10.26
N ASP A 340 -5.17 1.70 9.41
CA ASP A 340 -4.20 2.18 8.43
C ASP A 340 -4.79 2.26 7.03
N GLY A 341 -6.09 2.41 6.91
CA GLY A 341 -6.71 2.52 5.61
C GLY A 341 -7.70 3.66 5.49
N PHE A 342 -8.12 3.88 4.24
CA PHE A 342 -9.06 4.96 3.93
C PHE A 342 -10.34 4.81 4.72
N GLU A 343 -10.90 3.60 4.78
N GLU A 343 -10.89 3.59 4.77
CA GLU A 343 -12.26 3.39 5.30
CA GLU A 343 -12.23 3.35 5.33
C GLU A 343 -12.39 3.73 6.78
C GLU A 343 -12.38 3.93 6.73
N SER A 344 -11.29 3.98 7.50
CA SER A 344 -11.40 4.43 8.89
C SER A 344 -11.66 5.93 9.03
N PHE A 345 -11.63 6.71 7.94
CA PHE A 345 -11.87 8.14 7.98
C PHE A 345 -13.32 8.42 8.41
N PRO A 346 -13.64 9.63 8.84
CA PRO A 346 -15.06 9.97 9.09
C PRO A 346 -15.84 10.08 7.78
N SER A 347 -17.17 9.97 7.87
CA SER A 347 -17.98 10.00 6.64
C SER A 347 -17.73 11.28 5.87
N TRP A 348 -17.74 12.42 6.55
CA TRP A 348 -17.63 13.70 5.86
C TRP A 348 -16.33 13.77 5.07
N ALA A 349 -15.23 13.26 5.64
CA ALA A 349 -13.93 13.33 4.94
C ALA A 349 -13.84 12.32 3.79
N LYS A 350 -14.41 11.12 3.97
CA LYS A 350 -14.55 10.19 2.85
C LYS A 350 -15.29 10.86 1.69
N GLU A 351 -16.51 11.37 1.96
CA GLU A 351 -17.26 12.12 0.95
C GLU A 351 -16.38 13.09 0.19
N SER A 352 -15.71 13.96 0.95
CA SER A 352 -15.00 15.10 0.37
C SER A 352 -13.86 14.64 -0.52
N LEU A 353 -12.95 13.81 0.01
CA LEU A 353 -11.83 13.31 -0.78
C LEU A 353 -12.32 12.61 -2.04
N ASN A 354 -13.38 11.80 -1.89
CA ASN A 354 -13.97 11.11 -3.04
C ASN A 354 -14.35 12.12 -4.10
N ALA A 355 -15.03 13.20 -3.69
CA ALA A 355 -15.53 14.16 -4.67
C ALA A 355 -14.42 14.87 -5.41
N HIS A 356 -13.18 14.79 -4.93
CA HIS A 356 -12.08 15.47 -5.59
C HIS A 356 -11.04 14.51 -6.15
N ARG A 357 -11.48 13.28 -6.46
CA ARG A 357 -10.54 12.27 -6.96
C ARG A 357 -10.04 12.62 -8.35
N ASN A 358 -10.87 13.26 -9.18
CA ASN A 358 -10.50 13.60 -10.54
C ASN A 358 -9.95 15.00 -10.70
N ASP A 359 -9.59 15.68 -9.61
CA ASP A 359 -8.99 16.99 -9.78
C ASP A 359 -7.57 16.84 -10.34
N VAL A 360 -7.13 17.88 -11.03
CA VAL A 360 -5.78 17.93 -11.57
C VAL A 360 -4.82 18.25 -10.43
N ARG A 361 -3.87 17.36 -10.19
CA ARG A 361 -2.89 17.66 -9.17
C ARG A 361 -1.86 18.59 -9.77
N SER A 362 -1.49 19.63 -9.02
CA SER A 362 -0.44 20.52 -9.46
C SER A 362 0.84 19.74 -9.75
N HIS A 363 1.13 18.77 -8.89
CA HIS A 363 2.29 17.91 -9.01
C HIS A 363 1.91 16.51 -8.61
N ILE A 364 2.55 15.54 -9.25
CA ILE A 364 2.40 14.15 -8.86
C ILE A 364 3.80 13.55 -8.71
N TYR A 365 4.15 13.11 -7.50
CA TYR A 365 5.43 12.47 -7.27
C TYR A 365 5.21 11.01 -6.90
N THR A 366 6.23 10.21 -7.20
CA THR A 366 6.20 8.79 -6.82
C THR A 366 6.86 8.62 -5.46
N LEU A 367 6.62 7.49 -4.80
CA LEU A 367 7.25 7.20 -3.49
C LEU A 367 8.73 7.49 -3.60
N GLU A 368 9.36 6.92 -4.62
CA GLU A 368 10.83 7.05 -4.77
C GLU A 368 11.25 8.53 -4.88
N GLU A 369 10.40 9.40 -5.44
CA GLU A 369 10.83 10.79 -5.50
C GLU A 369 10.64 11.48 -4.17
N PHE A 370 9.49 11.26 -3.53
CA PHE A 370 9.28 11.71 -2.16
C PHE A 370 10.40 11.22 -1.27
N GLU A 371 10.76 9.94 -1.40
CA GLU A 371 11.75 9.36 -0.53
C GLU A 371 13.05 10.11 -0.58
N ALA A 372 13.48 10.49 -1.78
CA ALA A 372 14.78 11.11 -1.97
C ALA A 372 14.72 12.64 -1.94
N GLY A 373 13.61 13.20 -1.48
CA GLY A 373 13.46 14.65 -1.39
C GLY A 373 13.61 15.38 -2.71
N LYS A 374 13.11 14.80 -3.79
CA LYS A 374 13.11 15.53 -5.07
C LYS A 374 11.74 16.14 -5.35
N THR A 375 11.13 16.84 -4.40
CA THR A 375 9.99 17.65 -4.80
C THR A 375 10.46 19.05 -5.18
N HIS A 376 9.49 19.85 -5.60
CA HIS A 376 9.76 21.24 -5.93
C HIS A 376 9.80 22.15 -4.71
N ASP A 377 9.42 21.61 -3.54
CA ASP A 377 9.20 22.41 -2.35
C ASP A 377 10.39 22.24 -1.44
N PRO A 378 11.30 23.23 -1.36
CA PRO A 378 12.55 23.01 -0.61
C PRO A 378 12.32 22.91 0.89
N LEU A 379 11.19 23.40 1.38
CA LEU A 379 10.91 23.20 2.78
C LEU A 379 10.48 21.77 3.01
N TRP A 380 9.71 21.21 2.08
CA TRP A 380 9.29 19.81 2.20
C TRP A 380 10.50 18.88 2.16
N ASN A 381 11.35 19.02 1.14
CA ASN A 381 12.57 18.23 1.08
C ASN A 381 13.39 18.35 2.36
N ALA A 382 13.46 19.55 2.94
CA ALA A 382 14.25 19.73 4.16
C ALA A 382 13.77 18.78 5.24
N SER A 383 12.47 18.74 5.45
CA SER A 383 11.94 17.91 6.52
C SER A 383 12.08 16.41 6.21
N GLN A 384 12.05 16.03 4.93
CA GLN A 384 12.37 14.65 4.61
C GLN A 384 13.84 14.34 4.87
N MET A 385 14.75 15.32 4.71
CA MET A 385 16.14 15.11 5.09
C MET A 385 16.32 15.04 6.61
N GLU A 386 15.55 15.82 7.37
CA GLU A 386 15.55 15.60 8.80
C GLU A 386 15.15 14.16 9.13
N LEU A 387 14.07 13.67 8.51
CA LEU A 387 13.64 12.29 8.69
C LEU A 387 14.77 11.32 8.31
N LEU A 388 15.39 11.54 7.14
CA LEU A 388 16.35 10.55 6.63
C LEU A 388 17.57 10.41 7.54
N SER A 389 18.10 11.52 8.08
CA SER A 389 19.38 11.48 8.79
C SER A 389 19.27 11.38 10.30
N THR A 390 18.22 11.92 10.90
CA THR A 390 18.05 11.86 12.34
C THR A 390 17.06 10.80 12.80
N GLY A 391 16.17 10.32 11.90
CA GLY A 391 15.18 9.35 12.28
C GLY A 391 14.10 9.89 13.19
N LYS A 392 13.96 11.20 13.28
CA LYS A 392 12.95 11.82 14.13
C LYS A 392 12.71 13.21 13.53
N MET A 393 11.57 13.36 12.82
CA MET A 393 11.19 14.64 12.20
C MET A 393 10.45 15.49 13.23
N HIS A 394 10.76 16.78 13.25
CA HIS A 394 10.14 17.69 14.23
C HIS A 394 8.62 17.61 14.14
N GLY A 395 7.97 17.54 15.31
CA GLY A 395 6.52 17.43 15.43
C GLY A 395 5.72 18.30 14.46
N TYR A 396 5.96 19.60 14.46
CA TYR A 396 5.19 20.48 13.59
C TYR A 396 5.40 20.14 12.11
N MET A 397 6.64 19.88 11.67
CA MET A 397 6.84 19.56 10.25
C MET A 397 6.19 18.21 9.86
N ARG A 398 5.97 17.29 10.81
CA ARG A 398 5.25 16.07 10.46
C ARG A 398 3.87 16.38 9.89
N MET A 399 3.23 17.46 10.33
CA MET A 399 1.92 17.80 9.78
C MET A 399 2.04 18.28 8.33
N TYR A 400 2.88 19.27 8.08
CA TYR A 400 3.18 19.76 6.73
C TYR A 400 3.42 18.59 5.78
N TRP A 401 4.56 17.92 6.00
CA TRP A 401 5.01 16.73 5.31
C TRP A 401 3.83 15.88 4.83
N ALA A 402 2.98 15.42 5.75
CA ALA A 402 1.93 14.46 5.35
C ALA A 402 0.92 15.06 4.39
N LYS A 403 0.50 16.30 4.64
CA LYS A 403 -0.50 16.93 3.78
C LYS A 403 0.04 17.22 2.38
N LYS A 404 1.34 17.54 2.26
CA LYS A 404 1.84 17.74 0.90
C LYS A 404 1.87 16.42 0.15
N ILE A 405 2.02 15.30 0.86
CA ILE A 405 1.93 13.99 0.21
C ILE A 405 0.53 13.79 -0.38
N LEU A 406 -0.51 14.12 0.39
CA LEU A 406 -1.88 14.09 -0.16
C LEU A 406 -2.00 14.96 -1.41
N GLU A 407 -1.53 16.20 -1.33
CA GLU A 407 -1.71 17.17 -2.39
C GLU A 407 -0.97 16.77 -3.67
N TRP A 408 0.16 16.09 -3.52
CA TRP A 408 1.04 15.84 -4.66
C TRP A 408 1.11 14.37 -5.04
N SER A 409 0.03 13.61 -4.80
CA SER A 409 -0.03 12.22 -5.25
C SER A 409 -1.33 11.94 -6.00
N GLU A 410 -1.35 10.85 -6.78
CA GLU A 410 -2.45 10.58 -7.70
C GLU A 410 -3.78 10.22 -7.04
N SER A 411 -3.84 9.95 -5.75
CA SER A 411 -5.07 9.49 -5.12
C SER A 411 -4.89 9.53 -3.61
N PRO A 412 -5.98 9.66 -2.85
CA PRO A 412 -5.83 9.59 -1.40
C PRO A 412 -5.24 8.26 -0.92
N GLU A 413 -5.56 7.13 -1.55
CA GLU A 413 -5.00 5.87 -1.07
C GLU A 413 -3.49 5.82 -1.24
N LYS A 414 -2.98 6.32 -2.37
CA LYS A 414 -1.55 6.35 -2.60
C LYS A 414 -0.87 7.25 -1.58
N ALA A 415 -1.46 8.43 -1.36
CA ALA A 415 -1.02 9.34 -0.30
C ALA A 415 -0.89 8.61 1.03
N LEU A 416 -1.97 7.93 1.42
CA LEU A 416 -1.94 7.14 2.63
C LEU A 416 -0.80 6.13 2.58
N GLU A 417 -0.67 5.40 1.46
CA GLU A 417 0.36 4.37 1.33
C GLU A 417 1.75 4.94 1.47
N ILE A 418 2.00 6.05 0.78
CA ILE A 418 3.33 6.64 0.75
C ILE A 418 3.65 7.24 2.10
N ALA A 419 2.69 7.94 2.70
CA ALA A 419 2.92 8.55 3.99
C ALA A 419 3.13 7.48 5.07
N ILE A 420 2.38 6.37 5.02
CA ILE A 420 2.65 5.29 5.97
C ILE A 420 4.03 4.69 5.73
N CYS A 421 4.33 4.34 4.48
CA CYS A 421 5.61 3.73 4.13
C CYS A 421 6.78 4.51 4.71
N LEU A 422 6.85 5.80 4.40
CA LEU A 422 8.02 6.58 4.80
C LEU A 422 8.05 6.75 6.31
N ASN A 423 6.87 6.98 6.91
CA ASN A 423 6.79 7.12 8.35
C ASN A 423 7.42 5.92 9.03
N ASP A 424 6.94 4.71 8.72
CA ASP A 424 7.34 3.48 9.38
C ASP A 424 8.77 3.05 9.04
N ARG A 425 9.25 3.31 7.82
CA ARG A 425 10.61 2.87 7.46
C ARG A 425 11.69 3.73 8.11
N TYR A 426 11.48 5.06 8.24
CA TYR A 426 12.60 5.92 8.62
C TYR A 426 12.52 6.58 10.01
N GLU A 427 11.33 6.71 10.62
CA GLU A 427 11.20 7.23 11.96
C GLU A 427 11.69 6.21 12.97
N LEU A 428 12.53 6.64 13.92
CA LEU A 428 12.81 5.79 15.06
C LEU A 428 11.55 5.43 15.84
N ASP A 429 10.54 6.33 15.93
CA ASP A 429 9.28 6.02 16.63
C ASP A 429 8.19 5.43 15.70
N GLY A 430 8.56 4.71 14.60
CA GLY A 430 7.53 4.23 13.68
C GLY A 430 7.00 2.83 14.01
N ARG A 431 5.91 2.47 13.32
CA ARG A 431 5.15 1.24 13.58
C ARG A 431 4.53 1.28 14.96
N ASP A 432 3.72 2.33 15.19
CA ASP A 432 3.24 2.70 16.50
C ASP A 432 1.83 3.23 16.34
N PRO A 433 0.94 3.01 17.32
CA PRO A 433 -0.39 3.65 17.25
C PRO A 433 -0.35 5.14 16.98
N ASN A 434 0.54 5.88 17.64
CA ASN A 434 0.61 7.31 17.38
C ASN A 434 0.90 7.61 15.93
N GLY A 435 1.45 6.63 15.21
CA GLY A 435 1.72 6.71 13.80
C GLY A 435 0.44 6.76 12.98
N TYR A 436 -0.31 5.64 12.98
CA TYR A 436 -1.54 5.55 12.18
C TYR A 436 -2.55 6.63 12.57
N ALA A 437 -2.76 6.84 13.88
CA ALA A 437 -3.64 7.92 14.32
C ALA A 437 -3.17 9.27 13.79
N GLY A 438 -1.85 9.47 13.73
CA GLY A 438 -1.33 10.76 13.30
C GLY A 438 -1.50 11.02 11.82
N ILE A 439 -1.22 10.00 11.00
CA ILE A 439 -1.41 10.08 9.55
C ILE A 439 -2.87 10.26 9.20
N ALA A 440 -3.76 9.55 9.92
CA ALA A 440 -5.20 9.72 9.72
C ALA A 440 -5.66 11.13 10.02
N TRP A 441 -5.11 11.74 11.07
CA TRP A 441 -5.36 13.16 11.33
C TRP A 441 -5.03 14.00 10.12
N SER A 442 -3.82 13.83 9.57
CA SER A 442 -3.31 14.71 8.53
C SER A 442 -4.02 14.52 7.21
N ILE A 443 -4.20 13.28 6.80
CA ILE A 443 -4.77 12.97 5.48
C ILE A 443 -6.27 12.78 5.51
N GLY A 444 -6.84 12.42 6.65
CA GLY A 444 -8.25 12.02 6.70
C GLY A 444 -9.07 12.81 7.69
N GLY A 445 -8.45 13.73 8.43
CA GLY A 445 -9.21 14.52 9.36
C GLY A 445 -9.79 13.71 10.50
N VAL A 446 -9.20 12.57 10.81
CA VAL A 446 -9.64 11.80 11.97
C VAL A 446 -9.27 12.57 13.22
N HIS A 447 -10.21 12.74 14.13
CA HIS A 447 -9.98 13.52 15.37
C HIS A 447 -9.82 15.00 14.99
N ASP A 448 -10.31 15.38 13.81
CA ASP A 448 -10.23 16.76 13.38
C ASP A 448 -11.60 17.18 12.87
N ARG A 449 -11.69 18.34 12.19
CA ARG A 449 -12.96 18.83 11.70
C ARG A 449 -12.80 19.32 10.28
N ALA A 450 -13.91 19.75 9.70
CA ALA A 450 -13.94 20.18 8.31
C ALA A 450 -13.49 21.62 8.19
N TRP A 451 -12.76 21.93 7.11
CA TRP A 451 -12.36 23.30 6.79
C TRP A 451 -12.81 23.66 5.38
N GLY A 452 -12.50 24.90 4.97
CA GLY A 452 -12.98 25.41 3.70
C GLY A 452 -12.64 24.49 2.55
N GLU A 453 -13.58 24.26 1.65
CA GLU A 453 -13.35 23.30 0.59
C GLU A 453 -12.27 23.79 -0.38
N ARG A 454 -11.33 22.90 -0.72
CA ARG A 454 -10.27 23.17 -1.68
C ARG A 454 -10.31 22.15 -2.83
N GLU A 455 -9.67 22.51 -3.94
CA GLU A 455 -9.34 21.51 -4.95
C GLU A 455 -8.50 20.41 -4.30
N VAL A 456 -8.65 19.19 -4.83
CA VAL A 456 -7.79 18.05 -4.50
C VAL A 456 -7.99 17.63 -3.04
N THR A 457 -7.61 18.48 -2.09
CA THR A 457 -7.69 18.03 -0.70
C THR A 457 -9.10 18.19 -0.11
N GLY A 458 -10.04 18.76 -0.84
CA GLY A 458 -11.41 18.84 -0.33
C GLY A 458 -11.51 19.69 0.92
N LYS A 459 -12.19 19.16 1.94
CA LYS A 459 -12.34 19.90 3.20
C LYS A 459 -11.28 19.56 4.25
N ILE A 460 -10.19 18.88 3.89
CA ILE A 460 -9.15 18.52 4.83
C ILE A 460 -8.32 19.76 5.14
N ARG A 461 -7.95 19.93 6.42
CA ARG A 461 -7.17 21.10 6.87
C ARG A 461 -5.96 21.37 5.95
N TYR A 462 -5.91 22.59 5.42
CA TYR A 462 -4.79 23.02 4.58
C TYR A 462 -3.62 23.54 5.42
N MET A 463 -2.41 23.39 4.89
CA MET A 463 -1.21 24.06 5.40
C MET A 463 -0.35 24.55 4.23
N SER A 464 0.22 25.76 4.38
CA SER A 464 0.95 26.40 3.30
C SER A 464 2.38 26.69 3.69
N TYR A 465 3.24 26.76 2.69
CA TYR A 465 4.55 27.35 2.86
C TYR A 465 4.46 28.73 3.50
N GLU A 466 3.67 29.64 2.90
CA GLU A 466 3.60 31.00 3.41
C GLU A 466 3.10 31.05 4.85
N GLY A 467 2.28 30.08 5.25
CA GLY A 467 1.85 30.04 6.63
C GLY A 467 3.00 29.70 7.54
N CYS A 468 3.87 28.78 7.13
CA CYS A 468 5.05 28.49 7.93
C CYS A 468 5.95 29.74 8.06
N LYS A 469 6.20 30.43 6.94
CA LYS A 469 6.96 31.68 6.93
C LYS A 469 6.57 32.62 8.07
N ARG A 470 5.27 32.76 8.33
CA ARG A 470 4.80 33.59 9.43
C ARG A 470 5.11 32.98 10.79
N LYS A 471 5.28 31.67 10.89
CA LYS A 471 5.38 31.00 12.20
C LYS A 471 6.81 30.76 12.69
N PHE A 472 7.79 30.56 11.82
CA PHE A 472 9.16 30.31 12.25
C PHE A 472 10.12 30.70 11.12
N ASP A 473 11.42 30.82 11.45
CA ASP A 473 12.42 31.21 10.46
C ASP A 473 12.63 30.04 9.48
N VAL A 474 11.69 29.90 8.55
CA VAL A 474 11.70 28.78 7.60
C VAL A 474 13.09 28.60 7.00
N LYS A 475 13.77 29.71 6.68
CA LYS A 475 15.03 29.64 5.93
C LYS A 475 16.13 28.93 6.72
N LEU A 476 16.22 29.21 8.03
CA LEU A 476 17.12 28.46 8.90
C LEU A 476 16.91 26.96 8.70
N TYR A 477 15.65 26.54 8.73
CA TYR A 477 15.37 25.10 8.69
C TYR A 477 15.89 24.48 7.42
N ILE A 478 15.55 25.08 6.28
CA ILE A 478 16.06 24.65 4.99
C ILE A 478 17.58 24.73 4.95
N GLU A 479 18.15 25.76 5.57
CA GLU A 479 19.60 25.90 5.63
C GLU A 479 20.24 24.70 6.32
N LYS A 480 19.66 24.25 7.44
CA LYS A 480 20.29 23.23 8.28
C LYS A 480 20.48 21.92 7.54
N TYR A 481 19.57 21.60 6.61
CA TYR A 481 19.52 20.30 5.94
C TYR A 481 19.75 20.42 4.44
N SER A 482 20.35 21.51 3.98
CA SER A 482 20.54 21.69 2.54
C SER A 482 21.62 20.76 2.02
N ALA A 483 22.82 20.84 2.62
CA ALA A 483 23.93 19.99 2.25
C ALA A 483 23.62 18.52 2.52
N LEU A 484 22.66 17.95 1.79
CA LEU A 484 22.33 16.54 1.97
C LEU A 484 21.76 15.94 0.70
N ASP A 485 21.27 16.79 -0.19
CA ASP A 485 20.79 16.37 -1.51
C ASP A 485 21.59 15.23 -2.13
N LYS A 486 22.92 15.30 -2.00
CA LYS A 486 23.84 14.25 -2.37
C LYS A 486 23.42 12.88 -1.82
N MET B 23 -14.76 6.25 -41.35
CA MET B 23 -14.57 5.98 -39.92
C MET B 23 -15.75 6.48 -39.10
N ASN B 24 -16.22 5.68 -38.13
CA ASN B 24 -17.36 6.11 -37.31
C ASN B 24 -16.94 7.22 -36.35
N PRO B 25 -17.56 8.40 -36.43
CA PRO B 25 -17.05 9.54 -35.65
C PRO B 25 -17.25 9.41 -34.14
N LYS B 26 -18.09 8.48 -33.70
CA LYS B 26 -18.32 8.38 -32.27
C LYS B 26 -17.13 7.78 -31.54
N ARG B 27 -16.17 7.16 -32.25
CA ARG B 27 -14.94 6.69 -31.63
C ARG B 27 -14.01 7.82 -31.23
N ILE B 28 -14.48 9.07 -31.32
CA ILE B 28 -13.64 10.27 -31.25
C ILE B 28 -14.16 11.15 -30.12
N ARG B 29 -13.27 11.62 -29.25
CA ARG B 29 -13.59 12.64 -28.24
C ARG B 29 -12.66 13.84 -28.42
N ALA B 30 -13.25 15.01 -28.58
CA ALA B 30 -12.47 16.24 -28.66
C ALA B 30 -12.07 16.66 -27.26
N LEU B 31 -10.77 16.69 -27.01
CA LEU B 31 -10.29 17.08 -25.69
C LEU B 31 -10.12 18.58 -25.59
N LYS B 32 -9.42 19.18 -26.55
CA LYS B 32 -9.28 20.64 -26.62
C LYS B 32 -9.46 21.08 -28.07
N SER B 33 -10.27 22.11 -28.26
CA SER B 33 -10.51 22.68 -29.57
C SER B 33 -9.64 23.91 -29.78
N GLY B 34 -9.57 24.33 -31.03
CA GLY B 34 -8.70 25.43 -31.40
C GLY B 34 -8.47 25.44 -32.90
N LYS B 35 -7.31 25.97 -33.28
CA LYS B 35 -7.00 26.31 -34.67
C LYS B 35 -5.82 25.47 -35.16
N GLN B 36 -6.05 24.72 -36.24
CA GLN B 36 -5.01 23.84 -36.78
C GLN B 36 -3.80 24.64 -37.24
N GLY B 37 -2.63 24.30 -36.70
CA GLY B 37 -1.37 24.77 -37.24
C GLY B 37 -1.18 24.34 -38.69
N ASP B 38 -0.07 24.73 -39.29
CA ASP B 38 0.21 24.31 -40.66
C ASP B 38 1.03 23.03 -40.74
N GLY B 39 1.78 22.69 -39.69
CA GLY B 39 2.60 21.51 -39.69
C GLY B 39 1.81 20.23 -39.64
N PRO B 40 2.51 19.11 -39.39
CA PRO B 40 1.87 17.79 -39.53
C PRO B 40 0.85 17.55 -38.44
N VAL B 41 0.05 16.50 -38.67
CA VAL B 41 -0.80 15.93 -37.63
C VAL B 41 0.01 14.88 -36.89
N VAL B 42 0.02 14.97 -35.55
CA VAL B 42 0.91 14.18 -34.70
C VAL B 42 0.09 13.22 -33.85
N TYR B 43 0.34 11.93 -34.04
CA TYR B 43 -0.28 10.89 -33.23
C TYR B 43 0.64 10.59 -32.03
N TRP B 44 0.24 11.07 -30.85
CA TRP B 44 0.80 10.63 -29.58
C TRP B 44 0.29 9.22 -29.30
N MET B 45 1.09 8.23 -29.66
CA MET B 45 0.74 6.84 -29.41
C MET B 45 1.06 6.48 -27.96
N SER B 46 0.07 5.93 -27.25
CA SER B 46 0.28 5.53 -25.85
C SER B 46 -0.11 4.06 -25.66
N ARG B 47 -1.41 3.74 -25.79
CA ARG B 47 -1.91 2.38 -25.54
C ARG B 47 -1.73 1.46 -26.75
N ASP B 48 -2.03 1.95 -27.96
CA ASP B 48 -2.28 1.09 -29.11
C ASP B 48 -1.04 1.01 -30.01
N GLN B 49 -0.02 0.28 -29.53
CA GLN B 49 1.27 0.18 -30.21
C GLN B 49 1.22 -0.86 -31.35
N ARG B 50 0.63 -0.44 -32.49
CA ARG B 50 0.60 -1.33 -33.64
C ARG B 50 0.40 -0.53 -34.93
N ALA B 51 0.98 -1.05 -36.01
CA ALA B 51 0.91 -0.37 -37.31
C ALA B 51 -0.47 -0.47 -37.93
N GLU B 52 -1.03 -1.68 -38.05
CA GLU B 52 -2.31 -1.84 -38.72
C GLU B 52 -3.45 -2.11 -37.74
N ASP B 53 -4.68 -1.89 -38.22
CA ASP B 53 -5.92 -2.00 -37.44
C ASP B 53 -5.90 -1.07 -36.23
N ASN B 54 -5.64 0.22 -36.49
CA ASN B 54 -5.48 1.23 -35.44
C ASN B 54 -6.28 2.45 -35.84
N TRP B 55 -7.43 2.68 -35.21
CA TRP B 55 -8.26 3.84 -35.55
C TRP B 55 -7.56 5.15 -35.26
N ALA B 56 -6.74 5.21 -34.21
CA ALA B 56 -5.98 6.43 -33.93
C ALA B 56 -5.00 6.74 -35.05
N LEU B 57 -4.22 5.75 -35.48
CA LEU B 57 -3.31 5.99 -36.59
C LEU B 57 -4.09 6.33 -37.85
N LEU B 58 -5.26 5.71 -38.05
CA LEU B 58 -6.05 6.00 -39.25
C LEU B 58 -6.64 7.40 -39.18
N PHE B 59 -7.34 7.71 -38.08
CA PHE B 59 -7.91 9.05 -37.90
C PHE B 59 -6.87 10.15 -38.05
N SER B 60 -5.62 9.91 -37.62
CA SER B 60 -4.55 10.88 -37.84
C SER B 60 -4.29 11.09 -39.33
N ARG B 61 -4.17 9.99 -40.08
CA ARG B 61 -3.87 10.09 -41.49
C ARG B 61 -4.99 10.79 -42.24
N ALA B 62 -6.24 10.61 -41.80
CA ALA B 62 -7.37 11.31 -42.41
C ALA B 62 -7.27 12.81 -42.21
N ILE B 63 -7.10 13.25 -40.96
CA ILE B 63 -6.95 14.69 -40.68
C ILE B 63 -5.84 15.29 -41.53
N ALA B 64 -4.74 14.56 -41.70
CA ALA B 64 -3.61 15.06 -42.46
C ALA B 64 -3.91 15.11 -43.96
N LYS B 65 -4.42 14.01 -44.52
CA LYS B 65 -4.78 13.94 -45.93
C LYS B 65 -5.66 15.12 -46.32
N GLU B 66 -6.70 15.39 -45.53
CA GLU B 66 -7.55 16.56 -45.75
C GLU B 66 -6.83 17.88 -45.48
N ALA B 67 -5.77 17.87 -44.66
CA ALA B 67 -5.06 19.10 -44.31
C ALA B 67 -3.84 19.38 -45.18
N ASN B 68 -3.46 18.45 -46.06
CA ASN B 68 -2.33 18.58 -46.98
C ASN B 68 -0.96 18.44 -46.29
N VAL B 69 -0.90 17.66 -45.20
CA VAL B 69 0.30 17.58 -44.37
C VAL B 69 0.63 16.10 -44.16
N PRO B 70 1.84 15.77 -43.71
CA PRO B 70 2.15 14.37 -43.42
C PRO B 70 1.52 13.99 -42.10
N VAL B 71 1.62 12.70 -41.77
CA VAL B 71 1.29 12.22 -40.44
C VAL B 71 2.56 11.63 -39.84
N VAL B 72 2.74 11.84 -38.54
CA VAL B 72 3.94 11.42 -37.84
C VAL B 72 3.55 10.86 -36.49
N VAL B 73 4.37 9.92 -35.99
CA VAL B 73 4.12 9.21 -34.75
C VAL B 73 5.11 9.70 -33.71
N VAL B 74 4.62 9.89 -32.48
CA VAL B 74 5.47 10.21 -31.35
C VAL B 74 5.07 9.31 -30.19
N PHE B 75 6.06 8.87 -29.43
CA PHE B 75 5.87 7.91 -28.36
C PHE B 75 6.78 8.34 -27.22
N CYS B 76 6.29 8.22 -25.98
CA CYS B 76 6.98 8.78 -24.82
C CYS B 76 7.20 7.71 -23.76
N LEU B 77 8.46 7.33 -23.55
CA LEU B 77 8.80 6.41 -22.46
C LEU B 77 9.07 7.19 -21.17
N THR B 78 8.51 6.70 -20.08
CA THR B 78 8.55 7.35 -18.79
C THR B 78 9.49 6.64 -17.84
N ASP B 79 9.68 7.25 -16.66
CA ASP B 79 10.36 6.64 -15.53
C ASP B 79 9.51 5.59 -14.83
N GLU B 80 8.49 5.08 -15.51
CA GLU B 80 7.60 4.08 -14.97
C GLU B 80 8.12 2.67 -15.27
N PHE B 81 8.52 2.41 -16.51
CA PHE B 81 8.84 1.05 -16.91
C PHE B 81 10.15 0.58 -16.30
N LEU B 82 11.14 1.47 -16.22
CA LEU B 82 12.38 1.20 -15.50
C LEU B 82 12.09 0.90 -14.03
N GLU B 83 10.88 1.21 -13.58
CA GLU B 83 10.42 0.93 -12.23
C GLU B 83 9.35 -0.16 -12.19
N ALA B 84 9.04 -0.79 -13.32
CA ALA B 84 8.02 -1.83 -13.38
C ALA B 84 8.58 -3.21 -13.70
N GLY B 85 9.85 -3.32 -14.07
CA GLY B 85 10.46 -4.61 -14.33
C GLY B 85 10.95 -4.76 -15.76
N ILE B 86 12.00 -5.56 -15.97
CA ILE B 86 12.63 -5.61 -17.30
C ILE B 86 11.97 -6.59 -18.27
N ARG B 87 11.04 -7.42 -17.79
CA ARG B 87 10.37 -8.35 -18.72
C ARG B 87 9.35 -7.61 -19.59
N GLN B 88 8.56 -6.73 -18.98
CA GLN B 88 7.65 -5.90 -19.77
C GLN B 88 8.42 -4.90 -20.60
N TYR B 89 9.55 -4.41 -20.09
CA TYR B 89 10.32 -3.40 -20.80
C TYR B 89 10.83 -3.94 -22.13
N GLU B 90 11.49 -5.11 -22.08
CA GLU B 90 11.98 -5.72 -23.31
C GLU B 90 10.84 -6.11 -24.23
N PHE B 91 9.72 -6.57 -23.68
CA PHE B 91 8.59 -6.95 -24.52
C PHE B 91 8.05 -5.73 -25.26
N MET B 92 7.99 -4.58 -24.57
CA MET B 92 7.52 -3.37 -25.22
C MET B 92 8.50 -2.92 -26.31
N LEU B 93 9.74 -2.61 -25.91
CA LEU B 93 10.70 -2.03 -26.85
C LEU B 93 10.89 -2.93 -28.06
N LYS B 94 10.96 -4.24 -27.86
CA LYS B 94 11.14 -5.08 -29.03
C LYS B 94 9.96 -4.95 -29.97
N GLY B 95 8.77 -4.71 -29.43
CA GLY B 95 7.64 -4.39 -30.28
C GLY B 95 7.85 -3.10 -31.04
N LEU B 96 8.41 -2.08 -30.37
CA LEU B 96 8.52 -0.75 -30.96
C LEU B 96 9.57 -0.71 -32.05
N GLN B 97 10.62 -1.54 -31.95
CA GLN B 97 11.57 -1.65 -33.06
C GLN B 97 10.85 -2.04 -34.35
N GLU B 98 10.13 -3.17 -34.30
CA GLU B 98 9.30 -3.61 -35.41
C GLU B 98 8.40 -2.49 -35.90
N LEU B 99 7.66 -1.87 -34.97
CA LEU B 99 6.74 -0.80 -35.31
C LEU B 99 7.44 0.35 -36.02
N GLU B 100 8.66 0.69 -35.58
CA GLU B 100 9.42 1.76 -36.21
C GLU B 100 9.64 1.47 -37.69
N VAL B 101 9.90 0.21 -38.03
CA VAL B 101 10.19 -0.13 -39.43
C VAL B 101 8.91 -0.35 -40.22
N SER B 102 7.82 -0.77 -39.55
CA SER B 102 6.53 -0.77 -40.23
C SER B 102 6.19 0.63 -40.74
N LEU B 103 6.23 1.63 -39.86
CA LEU B 103 5.84 2.97 -40.27
C LEU B 103 6.79 3.56 -41.30
N SER B 104 8.08 3.23 -41.20
CA SER B 104 9.04 3.70 -42.20
C SER B 104 8.65 3.22 -43.59
N ARG B 105 8.15 1.98 -43.67
CA ARG B 105 7.68 1.44 -44.95
C ARG B 105 6.46 2.18 -45.47
N LYS B 106 5.67 2.78 -44.57
CA LYS B 106 4.59 3.67 -44.96
C LYS B 106 5.04 5.13 -45.07
N LYS B 107 6.35 5.37 -45.02
CA LYS B 107 6.88 6.72 -45.05
C LYS B 107 6.28 7.56 -43.93
N ILE B 108 6.16 6.98 -42.74
CA ILE B 108 5.64 7.70 -41.57
C ILE B 108 6.72 7.77 -40.50
N PRO B 109 7.30 8.96 -40.26
CA PRO B 109 8.35 9.07 -39.26
C PRO B 109 7.81 8.94 -37.85
N SER B 110 8.63 8.35 -36.97
CA SER B 110 8.27 8.14 -35.58
C SER B 110 9.36 8.72 -34.68
N PHE B 111 8.93 9.28 -33.55
CA PHE B 111 9.81 9.98 -32.63
C PHE B 111 9.64 9.38 -31.23
N PHE B 112 10.73 9.31 -30.47
CA PHE B 112 10.70 8.68 -29.15
C PHE B 112 11.31 9.65 -28.15
N LEU B 113 10.47 10.24 -27.31
CA LEU B 113 10.90 11.17 -26.29
C LEU B 113 10.85 10.47 -24.94
N ARG B 114 11.81 10.79 -24.08
CA ARG B 114 11.85 10.20 -22.76
C ARG B 114 11.63 11.31 -21.73
N GLY B 115 10.65 11.14 -20.86
CA GLY B 115 10.39 12.09 -19.79
C GLY B 115 8.92 12.14 -19.43
N ASP B 116 8.55 13.19 -18.69
CA ASP B 116 7.16 13.43 -18.31
C ASP B 116 6.31 13.70 -19.55
N PRO B 117 5.31 12.87 -19.84
CA PRO B 117 4.48 13.12 -21.04
C PRO B 117 3.83 14.50 -21.07
N GLY B 118 3.28 14.96 -19.95
CA GLY B 118 2.62 16.26 -19.90
C GLY B 118 3.55 17.42 -20.21
N GLU B 119 4.87 17.19 -20.18
CA GLU B 119 5.86 18.21 -20.48
C GLU B 119 6.41 18.05 -21.89
N LYS B 120 6.95 16.88 -22.22
CA LYS B 120 7.66 16.72 -23.48
C LYS B 120 6.75 16.55 -24.68
N ILE B 121 5.48 16.17 -24.48
CA ILE B 121 4.54 16.20 -25.61
C ILE B 121 4.23 17.63 -26.01
N SER B 122 4.26 18.56 -25.03
CA SER B 122 4.08 19.96 -25.35
C SER B 122 5.32 20.56 -26.01
N ARG B 123 6.51 20.15 -25.57
CA ARG B 123 7.75 20.61 -26.21
C ARG B 123 7.81 20.16 -27.65
N PHE B 124 7.51 18.88 -27.90
CA PHE B 124 7.50 18.34 -29.27
C PHE B 124 6.39 18.97 -30.11
N VAL B 125 5.25 19.31 -29.51
CA VAL B 125 4.15 19.91 -30.26
C VAL B 125 4.54 21.30 -30.76
N LYS B 126 5.22 22.10 -29.92
CA LYS B 126 5.63 23.45 -30.32
C LYS B 126 6.77 23.41 -31.32
N ASP B 127 7.85 22.69 -31.00
CA ASP B 127 8.82 22.32 -32.03
C ASP B 127 8.02 21.55 -33.09
N TYR B 128 8.59 21.34 -34.27
CA TYR B 128 7.88 20.50 -35.24
C TYR B 128 6.60 21.17 -35.72
N ASN B 129 6.05 22.08 -34.91
CA ASN B 129 4.97 22.99 -35.28
C ASN B 129 3.72 22.25 -35.77
N ALA B 130 3.20 21.39 -34.90
CA ALA B 130 2.14 20.48 -35.28
C ALA B 130 0.85 21.22 -35.63
N GLY B 131 0.14 20.72 -36.63
CA GLY B 131 -1.17 21.25 -36.93
C GLY B 131 -2.21 20.79 -35.93
N THR B 132 -2.26 19.48 -35.70
CA THR B 132 -3.23 18.86 -34.82
C THR B 132 -2.52 17.77 -34.02
N LEU B 133 -3.13 17.38 -32.90
CA LEU B 133 -2.59 16.32 -32.06
C LEU B 133 -3.72 15.38 -31.65
N VAL B 134 -3.50 14.08 -31.84
CA VAL B 134 -4.42 13.05 -31.39
C VAL B 134 -3.68 12.09 -30.47
N THR B 135 -4.45 11.26 -29.78
CA THR B 135 -3.93 10.23 -28.88
C THR B 135 -5.01 9.16 -28.77
N ASP B 136 -4.61 7.94 -28.40
CA ASP B 136 -5.60 6.89 -28.26
C ASP B 136 -6.21 6.97 -26.86
N PHE B 137 -7.01 5.98 -26.46
CA PHE B 137 -7.79 6.08 -25.24
C PHE B 137 -7.33 5.09 -24.15
N SER B 138 -7.32 5.57 -22.90
CA SER B 138 -6.94 4.82 -21.69
C SER B 138 -7.69 5.44 -20.52
N PRO B 139 -8.44 4.64 -19.75
CA PRO B 139 -9.17 5.19 -18.61
C PRO B 139 -8.34 5.32 -17.34
N LEU B 140 -7.12 4.80 -17.33
CA LEU B 140 -6.28 4.85 -16.14
C LEU B 140 -6.02 6.28 -15.70
N ARG B 141 -5.89 6.46 -14.38
CA ARG B 141 -5.75 7.80 -13.82
C ARG B 141 -4.60 8.56 -14.44
N ILE B 142 -3.47 7.89 -14.68
CA ILE B 142 -2.27 8.64 -15.04
C ILE B 142 -2.39 9.26 -16.43
N LYS B 143 -3.15 8.64 -17.34
CA LYS B 143 -3.30 9.25 -18.66
C LYS B 143 -4.03 10.57 -18.55
N ASN B 144 -5.06 10.62 -17.71
CA ASN B 144 -5.88 11.82 -17.61
C ASN B 144 -5.05 12.99 -17.11
N GLN B 145 -4.19 12.74 -16.13
CA GLN B 145 -3.37 13.84 -15.64
C GLN B 145 -2.39 14.32 -16.70
N TRP B 146 -1.77 13.40 -17.46
CA TRP B 146 -0.98 13.83 -18.61
C TRP B 146 -1.83 14.63 -19.58
N ILE B 147 -2.98 14.06 -19.99
CA ILE B 147 -3.88 14.79 -20.90
C ILE B 147 -4.11 16.19 -20.35
N GLU B 148 -4.60 16.27 -19.10
CA GLU B 148 -4.93 17.56 -18.51
C GLU B 148 -3.78 18.55 -18.65
N LYS B 149 -2.55 18.09 -18.39
CA LYS B 149 -1.39 18.96 -18.53
C LYS B 149 -1.29 19.51 -19.95
N VAL B 150 -1.23 18.62 -20.94
CA VAL B 150 -1.05 19.02 -22.34
C VAL B 150 -2.14 19.99 -22.77
N ILE B 151 -3.31 19.94 -22.15
CA ILE B 151 -4.39 20.83 -22.59
C ILE B 151 -4.07 22.27 -22.21
N SER B 152 -3.39 22.48 -21.08
CA SER B 152 -2.91 23.83 -20.79
C SER B 152 -1.66 24.18 -21.56
N GLY B 153 -0.93 23.17 -22.06
CA GLY B 153 0.35 23.44 -22.70
C GLY B 153 0.28 23.90 -24.13
N ILE B 154 -0.80 23.58 -24.83
CA ILE B 154 -0.84 23.72 -26.29
C ILE B 154 -1.97 24.64 -26.70
N SER B 155 -2.11 24.82 -28.01
CA SER B 155 -3.12 25.69 -28.58
C SER B 155 -3.75 25.15 -29.86
N ILE B 156 -3.25 24.01 -30.37
CA ILE B 156 -3.79 23.35 -31.56
C ILE B 156 -4.92 22.43 -31.11
N PRO B 157 -5.76 21.93 -32.02
CA PRO B 157 -6.82 21.01 -31.60
C PRO B 157 -6.23 19.69 -31.08
N PHE B 158 -6.94 19.08 -30.14
CA PHE B 158 -6.49 17.86 -29.48
C PHE B 158 -7.65 16.86 -29.43
N PHE B 159 -7.41 15.67 -29.96
CA PHE B 159 -8.45 14.66 -30.06
C PHE B 159 -7.97 13.36 -29.44
N GLU B 160 -8.92 12.56 -28.95
CA GLU B 160 -8.64 11.21 -28.53
C GLU B 160 -9.61 10.26 -29.23
N VAL B 161 -9.15 9.03 -29.44
CA VAL B 161 -9.87 8.00 -30.15
C VAL B 161 -9.81 6.73 -29.31
N ASP B 162 -10.95 6.09 -29.12
CA ASP B 162 -10.93 4.76 -28.52
C ASP B 162 -10.48 3.79 -29.61
N ALA B 163 -9.18 3.55 -29.67
CA ALA B 163 -8.68 2.51 -30.57
C ALA B 163 -8.75 1.10 -29.99
N HIS B 164 -9.07 0.96 -28.69
CA HIS B 164 -8.95 -0.38 -28.02
C HIS B 164 -10.27 -1.16 -27.91
N ASN B 165 -11.39 -0.46 -27.85
CA ASN B 165 -12.70 -1.14 -27.65
C ASN B 165 -13.53 -1.04 -28.91
N VAL B 166 -14.06 -2.16 -29.40
CA VAL B 166 -14.97 -2.14 -30.59
C VAL B 166 -16.07 -1.11 -30.32
N VAL B 167 -16.81 -1.26 -29.22
CA VAL B 167 -17.78 -0.23 -28.86
C VAL B 167 -17.05 0.80 -28.01
N PRO B 168 -17.00 2.08 -28.42
CA PRO B 168 -16.18 3.05 -27.70
C PRO B 168 -16.64 3.18 -26.26
N CYS B 169 -15.67 3.43 -25.37
CA CYS B 169 -15.94 3.29 -23.94
C CYS B 169 -17.08 4.21 -23.49
N TRP B 170 -17.00 5.50 -23.84
CA TRP B 170 -18.04 6.45 -23.44
C TRP B 170 -19.38 6.12 -24.08
N GLU B 171 -19.40 5.33 -25.16
CA GLU B 171 -20.63 5.04 -25.88
C GLU B 171 -21.42 3.87 -25.31
N ALA B 172 -20.72 2.84 -24.81
CA ALA B 172 -21.35 1.57 -24.47
C ALA B 172 -22.33 1.73 -23.30
N SER B 173 -21.94 2.49 -22.30
CA SER B 173 -22.77 2.82 -21.16
C SER B 173 -22.29 4.15 -20.59
N GLN B 174 -23.21 4.89 -20.00
CA GLN B 174 -22.84 6.18 -19.44
C GLN B 174 -22.52 6.11 -17.95
N LYS B 175 -22.71 4.94 -17.32
CA LYS B 175 -22.60 4.78 -15.88
C LYS B 175 -21.88 3.47 -15.58
N HIS B 176 -21.34 3.37 -14.36
CA HIS B 176 -20.75 2.13 -13.87
C HIS B 176 -21.77 0.99 -13.92
N GLU B 177 -21.39 -0.13 -14.51
CA GLU B 177 -22.28 -1.28 -14.57
C GLU B 177 -22.04 -2.20 -13.36
N TYR B 178 -23.15 -2.65 -12.76
CA TYR B 178 -23.10 -3.44 -11.53
C TYR B 178 -22.68 -4.88 -11.78
N ALA B 179 -23.16 -5.50 -12.87
CA ALA B 179 -22.85 -6.88 -13.19
C ALA B 179 -22.73 -7.04 -14.70
N ALA B 180 -22.15 -8.18 -15.11
CA ALA B 180 -21.99 -8.44 -16.54
C ALA B 180 -23.32 -8.49 -17.27
N HIS B 181 -24.36 -9.01 -16.63
CA HIS B 181 -25.64 -9.17 -17.30
C HIS B 181 -26.37 -7.84 -17.51
N THR B 182 -25.96 -6.74 -16.89
CA THR B 182 -26.58 -5.46 -17.21
C THR B 182 -25.89 -4.79 -18.40
N PHE B 183 -24.56 -4.92 -18.44
CA PHE B 183 -23.78 -4.41 -19.56
C PHE B 183 -24.06 -5.22 -20.83
N ARG B 184 -24.24 -6.52 -20.67
CA ARG B 184 -24.29 -7.40 -21.85
C ARG B 184 -25.35 -6.99 -22.86
N PRO B 185 -26.58 -6.60 -22.47
CA PRO B 185 -27.52 -6.14 -23.50
C PRO B 185 -27.16 -4.79 -24.10
N LYS B 186 -26.57 -3.87 -23.33
CA LYS B 186 -26.16 -2.57 -23.85
C LYS B 186 -25.06 -2.71 -24.89
N LEU B 187 -24.08 -3.58 -24.64
CA LEU B 187 -23.05 -3.79 -25.66
C LEU B 187 -23.67 -4.34 -26.93
N TYR B 188 -24.43 -5.44 -26.80
CA TYR B 188 -24.89 -6.19 -27.96
C TYR B 188 -25.80 -5.38 -28.87
N ALA B 189 -26.53 -4.39 -28.34
CA ALA B 189 -27.31 -3.53 -29.21
C ALA B 189 -26.41 -2.75 -30.15
N LEU B 190 -25.22 -2.39 -29.69
CA LEU B 190 -24.38 -1.50 -30.48
C LEU B 190 -23.42 -2.24 -31.40
N LEU B 191 -23.04 -3.48 -31.06
CA LEU B 191 -22.06 -4.23 -31.84
C LEU B 191 -22.41 -4.30 -33.33
N PRO B 192 -23.69 -4.37 -33.73
CA PRO B 192 -24.00 -4.19 -35.16
C PRO B 192 -23.37 -2.94 -35.77
N GLU B 193 -23.43 -1.82 -35.04
CA GLU B 193 -22.96 -0.54 -35.57
C GLU B 193 -21.43 -0.41 -35.56
N PHE B 194 -20.73 -1.09 -34.64
CA PHE B 194 -19.30 -0.84 -34.42
C PHE B 194 -18.40 -1.97 -34.85
N LEU B 195 -18.93 -3.16 -35.16
CA LEU B 195 -18.11 -4.25 -35.68
C LEU B 195 -18.04 -4.07 -37.19
N GLU B 196 -16.94 -3.49 -37.67
CA GLU B 196 -16.75 -3.23 -39.09
C GLU B 196 -15.30 -3.55 -39.44
N GLU B 197 -15.08 -3.80 -40.73
CA GLU B 197 -13.73 -4.00 -41.22
C GLU B 197 -12.92 -2.71 -41.08
N PHE B 198 -11.57 -2.84 -41.15
CA PHE B 198 -10.60 -1.75 -41.01
C PHE B 198 -10.16 -1.24 -42.37
N PRO B 199 -10.18 0.07 -42.60
CA PRO B 199 -9.51 0.63 -43.78
C PRO B 199 -8.00 0.54 -43.63
N GLU B 200 -7.32 0.36 -44.76
CA GLU B 200 -5.87 0.18 -44.74
C GLU B 200 -5.17 1.49 -44.49
N LEU B 201 -3.97 1.40 -43.90
CA LEU B 201 -3.21 2.62 -43.63
C LEU B 201 -2.65 3.12 -44.95
N GLU B 202 -3.12 4.26 -45.38
CA GLU B 202 -2.57 4.91 -46.55
C GLU B 202 -1.25 5.59 -46.19
N PRO B 203 -0.17 5.32 -46.90
CA PRO B 203 1.14 5.90 -46.54
C PRO B 203 1.20 7.40 -46.83
N ASN B 204 2.30 8.02 -46.41
CA ASN B 204 2.46 9.46 -46.59
C ASN B 204 2.91 9.79 -48.02
N SER B 205 2.24 10.77 -48.62
CA SER B 205 2.66 11.34 -49.90
C SER B 205 3.47 12.60 -49.74
N VAL B 206 3.24 13.36 -48.67
CA VAL B 206 4.01 14.55 -48.38
C VAL B 206 5.17 14.17 -47.48
N THR B 207 6.38 14.50 -47.93
CA THR B 207 7.63 14.11 -47.27
C THR B 207 7.85 14.84 -45.94
N ASP B 242 14.81 -10.40 -13.12
CA ASP B 242 14.15 -11.63 -13.57
C ASP B 242 15.14 -12.80 -13.71
N PRO B 243 15.60 -13.35 -12.57
CA PRO B 243 16.48 -14.53 -12.68
C PRO B 243 15.83 -15.67 -13.43
N LEU B 244 14.56 -15.94 -13.10
CA LEU B 244 13.83 -17.11 -13.55
C LEU B 244 13.13 -16.92 -14.89
N PHE B 245 12.68 -15.70 -15.19
CA PHE B 245 11.89 -15.43 -16.39
C PHE B 245 12.53 -16.03 -17.63
N GLU B 246 11.74 -16.81 -18.35
CA GLU B 246 12.11 -17.28 -19.66
C GLU B 246 11.31 -16.51 -20.70
N PRO B 247 11.95 -15.78 -21.61
CA PRO B 247 11.20 -15.01 -22.61
C PRO B 247 10.80 -15.77 -23.85
N TRP B 248 11.23 -17.03 -24.01
CA TRP B 248 10.96 -17.73 -25.26
C TRP B 248 9.50 -18.14 -25.43
N HIS B 249 8.63 -17.81 -24.49
CA HIS B 249 7.22 -18.18 -24.60
C HIS B 249 6.40 -17.19 -25.40
N PHE B 250 6.84 -15.94 -25.49
CA PHE B 250 6.08 -14.90 -26.18
C PHE B 250 7.05 -14.01 -26.95
N GLU B 251 7.01 -14.11 -28.28
CA GLU B 251 7.76 -13.20 -29.15
C GLU B 251 7.08 -11.84 -29.15
N PRO B 252 7.77 -10.77 -28.80
CA PRO B 252 7.14 -9.44 -28.89
C PRO B 252 6.96 -9.07 -30.34
N GLY B 253 5.75 -8.67 -30.69
CA GLY B 253 5.56 -8.14 -32.02
C GLY B 253 4.13 -8.11 -32.53
N GLU B 254 3.92 -7.17 -33.44
CA GLU B 254 2.69 -7.11 -34.21
C GLU B 254 2.60 -8.25 -35.20
N LYS B 255 3.75 -8.65 -35.75
CA LYS B 255 3.77 -9.84 -36.60
C LYS B 255 3.66 -11.10 -35.75
N ALA B 256 4.26 -11.11 -34.57
CA ALA B 256 4.15 -12.28 -33.70
C ALA B 256 2.72 -12.45 -33.21
N ALA B 257 2.10 -11.34 -32.75
CA ALA B 257 0.70 -11.38 -32.31
C ALA B 257 -0.19 -12.03 -33.37
N LYS B 258 -0.04 -11.59 -34.62
CA LYS B 258 -0.85 -12.11 -35.71
C LYS B 258 -0.66 -13.61 -35.85
N LYS B 259 0.56 -14.08 -35.68
CA LYS B 259 0.82 -15.51 -35.72
C LYS B 259 0.20 -16.20 -34.51
N VAL B 260 0.48 -15.69 -33.31
CA VAL B 260 -0.16 -16.16 -32.09
C VAL B 260 -1.66 -16.29 -32.29
N MET B 261 -2.29 -15.28 -32.89
CA MET B 261 -3.73 -15.30 -33.07
C MET B 261 -4.17 -16.39 -34.03
N GLU B 262 -3.39 -16.63 -35.08
CA GLU B 262 -3.77 -17.62 -36.08
C GLU B 262 -3.79 -19.01 -35.48
N SER B 263 -2.74 -19.36 -34.73
CA SER B 263 -2.71 -20.67 -34.09
C SER B 263 -3.93 -20.88 -33.19
N PHE B 264 -4.42 -19.82 -32.55
CA PHE B 264 -5.61 -19.97 -31.71
C PHE B 264 -6.81 -20.42 -32.54
N ILE B 265 -7.03 -19.78 -33.70
CA ILE B 265 -8.27 -20.03 -34.42
C ILE B 265 -8.25 -21.39 -35.12
N ALA B 266 -7.08 -21.94 -35.43
CA ALA B 266 -7.00 -23.20 -36.17
C ALA B 266 -6.57 -24.38 -35.30
N ASP B 267 -6.40 -24.21 -33.99
CA ASP B 267 -5.99 -25.30 -33.13
C ASP B 267 -6.82 -25.32 -31.85
N ARG B 268 -6.89 -24.19 -31.17
CA ARG B 268 -7.40 -24.13 -29.82
C ARG B 268 -8.84 -23.63 -29.71
N LEU B 269 -9.34 -22.87 -30.69
CA LEU B 269 -10.66 -22.24 -30.55
C LEU B 269 -11.77 -23.29 -30.39
N ASP B 270 -11.72 -24.38 -31.17
CA ASP B 270 -12.88 -25.27 -31.22
C ASP B 270 -13.18 -25.90 -29.86
N SER B 271 -12.15 -26.21 -29.08
CA SER B 271 -12.36 -26.72 -27.74
C SER B 271 -12.00 -25.69 -26.68
N TYR B 272 -12.10 -24.40 -27.01
CA TYR B 272 -11.89 -23.37 -25.98
C TYR B 272 -12.96 -23.46 -24.90
N GLY B 273 -14.23 -23.56 -25.32
CA GLY B 273 -15.34 -23.57 -24.39
C GLY B 273 -15.34 -24.75 -23.45
N ALA B 274 -14.58 -25.79 -23.80
CA ALA B 274 -14.47 -27.01 -23.00
C ALA B 274 -13.38 -26.92 -21.94
N LEU B 275 -12.19 -26.47 -22.31
CA LEU B 275 -11.00 -26.62 -21.49
C LEU B 275 -10.43 -25.30 -20.99
N ARG B 276 -11.14 -24.18 -21.19
CA ARG B 276 -10.62 -22.87 -20.81
C ARG B 276 -10.23 -22.83 -19.33
N ASN B 277 -10.96 -23.52 -18.45
CA ASN B 277 -10.68 -23.51 -17.03
C ASN B 277 -9.78 -24.67 -16.57
N ASP B 278 -9.09 -25.37 -17.47
CA ASP B 278 -8.23 -26.46 -17.04
C ASP B 278 -6.79 -25.99 -17.05
N PRO B 279 -6.19 -25.61 -15.91
CA PRO B 279 -4.81 -25.09 -15.94
C PRO B 279 -3.83 -25.99 -16.67
N THR B 280 -4.17 -27.27 -16.83
CA THR B 280 -3.22 -28.25 -17.35
C THR B 280 -3.30 -28.40 -18.88
N LYS B 281 -4.19 -27.69 -19.55
CA LYS B 281 -4.31 -27.70 -21.01
C LYS B 281 -4.19 -26.27 -21.55
N ASN B 282 -3.22 -26.06 -22.44
CA ASN B 282 -3.11 -24.76 -23.12
C ASN B 282 -4.20 -24.66 -24.17
N MET B 283 -5.42 -24.36 -23.70
CA MET B 283 -6.53 -24.06 -24.59
C MET B 283 -6.87 -22.57 -24.59
N LEU B 284 -6.00 -21.71 -24.06
CA LEU B 284 -6.23 -20.27 -24.10
C LEU B 284 -5.65 -19.66 -25.37
N SER B 285 -6.10 -18.44 -25.69
CA SER B 285 -5.59 -17.76 -26.87
C SER B 285 -4.21 -17.14 -26.65
N ASN B 286 -3.93 -16.69 -25.43
CA ASN B 286 -2.64 -16.14 -25.03
C ASN B 286 -2.37 -14.78 -25.65
N LEU B 287 -3.43 -14.06 -26.02
CA LEU B 287 -3.34 -12.75 -26.64
C LEU B 287 -3.21 -11.60 -25.65
N SER B 288 -3.48 -11.84 -24.37
CA SER B 288 -3.48 -10.74 -23.41
C SER B 288 -2.19 -9.92 -23.40
N PRO B 289 -0.98 -10.50 -23.56
CA PRO B 289 0.20 -9.62 -23.57
C PRO B 289 0.23 -8.70 -24.78
N TYR B 290 -0.07 -9.27 -25.96
CA TYR B 290 -0.20 -8.46 -27.16
C TYR B 290 -1.28 -7.40 -26.97
N LEU B 291 -2.51 -7.82 -26.68
CA LEU B 291 -3.61 -6.88 -26.52
C LEU B 291 -3.30 -5.84 -25.46
N HIS B 292 -2.44 -6.15 -24.49
CA HIS B 292 -2.14 -5.15 -23.47
C HIS B 292 -1.32 -4.01 -24.05
N PHE B 293 -0.40 -4.32 -24.95
CA PHE B 293 0.36 -3.30 -25.66
C PHE B 293 -0.33 -2.91 -26.96
N GLY B 294 -1.49 -3.51 -27.22
CA GLY B 294 -2.17 -3.22 -28.47
C GLY B 294 -1.33 -3.56 -29.65
N GLN B 295 -0.48 -4.59 -29.51
CA GLN B 295 0.20 -5.12 -30.69
C GLN B 295 -0.77 -5.88 -31.58
N ILE B 296 -2.01 -6.06 -31.12
CA ILE B 296 -3.10 -6.59 -31.93
C ILE B 296 -4.37 -5.87 -31.51
N SER B 297 -5.33 -5.81 -32.45
CA SER B 297 -6.64 -5.22 -32.20
C SER B 297 -7.65 -6.28 -31.78
N SER B 298 -8.46 -5.98 -30.75
CA SER B 298 -9.51 -6.94 -30.39
C SER B 298 -10.69 -6.82 -31.32
N GLN B 299 -10.91 -5.65 -31.92
CA GLN B 299 -11.80 -5.60 -33.08
C GLN B 299 -11.40 -6.66 -34.10
N ARG B 300 -10.11 -6.71 -34.44
CA ARG B 300 -9.64 -7.65 -35.45
C ARG B 300 -9.84 -9.10 -35.02
N VAL B 301 -9.50 -9.41 -33.76
CA VAL B 301 -9.70 -10.77 -33.27
C VAL B 301 -11.16 -11.16 -33.45
N VAL B 302 -12.08 -10.35 -32.92
CA VAL B 302 -13.50 -10.66 -33.07
C VAL B 302 -13.85 -10.85 -34.53
N LEU B 303 -13.26 -10.05 -35.41
CA LEU B 303 -13.54 -10.18 -36.83
C LEU B 303 -13.19 -11.57 -37.33
N GLU B 304 -11.98 -12.04 -37.04
CA GLU B 304 -11.58 -13.32 -37.61
C GLU B 304 -12.32 -14.49 -36.97
N VAL B 305 -12.62 -14.41 -35.67
CA VAL B 305 -13.31 -15.49 -34.98
C VAL B 305 -14.72 -15.69 -35.53
N GLU B 306 -15.43 -14.59 -35.80
CA GLU B 306 -16.76 -14.69 -36.39
C GLU B 306 -16.73 -15.27 -37.80
N LYS B 307 -15.56 -15.32 -38.44
CA LYS B 307 -15.37 -15.93 -39.76
C LYS B 307 -14.81 -17.35 -39.67
N ALA B 308 -14.40 -17.78 -38.48
CA ALA B 308 -13.92 -19.14 -38.28
C ALA B 308 -15.10 -20.07 -38.07
N GLU B 309 -15.25 -21.05 -38.97
CA GLU B 309 -16.19 -22.14 -38.75
C GLU B 309 -15.67 -22.98 -37.59
N SER B 310 -16.22 -22.73 -36.39
CA SER B 310 -15.81 -23.44 -35.18
C SER B 310 -17.04 -23.80 -34.36
N ASN B 311 -16.81 -24.55 -33.28
CA ASN B 311 -17.83 -24.87 -32.31
C ASN B 311 -18.52 -23.59 -31.82
N PRO B 312 -19.86 -23.57 -31.76
CA PRO B 312 -20.56 -22.31 -31.44
C PRO B 312 -20.46 -21.96 -29.97
N GLY B 313 -20.52 -22.94 -29.07
CA GLY B 313 -20.33 -22.63 -27.66
C GLY B 313 -18.91 -22.15 -27.38
N SER B 314 -17.93 -22.81 -28.00
CA SER B 314 -16.58 -22.27 -28.00
C SER B 314 -16.57 -20.83 -28.48
N LYS B 315 -17.35 -20.53 -29.52
CA LYS B 315 -17.32 -19.20 -30.10
C LYS B 315 -17.99 -18.20 -29.17
N LYS B 316 -19.16 -18.54 -28.61
CA LYS B 316 -19.84 -17.63 -27.69
C LYS B 316 -19.02 -17.39 -26.43
N ALA B 317 -18.25 -18.39 -26.01
CA ALA B 317 -17.40 -18.25 -24.84
C ALA B 317 -16.37 -17.16 -25.05
N PHE B 318 -15.63 -17.25 -26.16
CA PHE B 318 -14.55 -16.30 -26.42
C PHE B 318 -15.10 -14.87 -26.54
N LEU B 319 -16.10 -14.70 -27.41
CA LEU B 319 -16.75 -13.40 -27.59
C LEU B 319 -17.21 -12.80 -26.26
N ASP B 320 -17.79 -13.63 -25.38
CA ASP B 320 -18.16 -13.16 -24.05
C ASP B 320 -16.93 -12.64 -23.30
N GLU B 321 -15.83 -13.38 -23.37
CA GLU B 321 -14.62 -13.01 -22.63
C GLU B 321 -14.01 -11.73 -23.19
N ILE B 322 -13.73 -11.70 -24.49
CA ILE B 322 -13.01 -10.61 -25.15
C ILE B 322 -13.89 -9.42 -25.49
N LEU B 323 -15.21 -9.56 -25.42
CA LEU B 323 -16.11 -8.43 -25.59
C LEU B 323 -16.73 -7.97 -24.28
N ILE B 324 -17.41 -8.87 -23.55
CA ILE B 324 -18.15 -8.43 -22.37
C ILE B 324 -17.20 -8.04 -21.24
N TRP B 325 -16.23 -8.91 -20.93
CA TRP B 325 -15.39 -8.72 -19.75
C TRP B 325 -14.17 -7.84 -19.98
N LYS B 326 -13.62 -7.78 -21.19
CA LYS B 326 -12.51 -6.87 -21.46
C LYS B 326 -12.97 -5.42 -21.48
N GLU B 327 -14.17 -5.17 -21.99
CA GLU B 327 -14.67 -3.82 -22.10
C GLU B 327 -15.45 -3.40 -20.87
N ILE B 328 -16.00 -4.34 -20.10
CA ILE B 328 -16.56 -3.94 -18.82
C ILE B 328 -15.45 -3.55 -17.86
N SER B 329 -14.22 -4.02 -18.10
CA SER B 329 -13.11 -3.61 -17.28
C SER B 329 -12.74 -2.17 -17.56
N ASP B 330 -12.78 -1.75 -18.84
CA ASP B 330 -12.55 -0.34 -19.15
C ASP B 330 -13.68 0.53 -18.62
N ASN B 331 -14.91 -0.01 -18.57
CA ASN B 331 -16.01 0.69 -17.90
C ASN B 331 -15.71 0.90 -16.42
N PHE B 332 -15.27 -0.15 -15.75
CA PHE B 332 -14.98 -0.06 -14.32
C PHE B 332 -13.99 1.08 -14.02
N CYS B 333 -12.88 1.15 -14.75
CA CYS B 333 -11.87 2.18 -14.49
C CYS B 333 -12.32 3.56 -14.92
N TYR B 334 -13.12 3.64 -15.97
CA TYR B 334 -13.52 4.95 -16.46
C TYR B 334 -14.50 5.65 -15.53
N TYR B 335 -15.25 4.90 -14.71
CA TYR B 335 -16.32 5.49 -13.94
C TYR B 335 -16.06 5.49 -12.44
N ASN B 336 -15.02 4.80 -11.99
CA ASN B 336 -14.65 4.74 -10.57
C ASN B 336 -13.19 5.17 -10.48
N PRO B 337 -12.91 6.42 -10.20
CA PRO B 337 -11.55 6.79 -9.82
C PRO B 337 -11.21 6.01 -8.57
N GLY B 338 -10.04 5.39 -8.55
CA GLY B 338 -9.78 4.49 -7.42
C GLY B 338 -10.28 3.08 -7.59
N TYR B 339 -10.59 2.66 -8.83
CA TYR B 339 -10.61 1.25 -9.23
C TYR B 339 -9.57 0.38 -8.53
N ASP B 340 -8.55 0.96 -7.91
CA ASP B 340 -7.51 0.19 -7.26
C ASP B 340 -7.49 0.38 -5.74
N GLY B 341 -8.65 0.73 -5.15
CA GLY B 341 -8.77 0.84 -3.72
C GLY B 341 -10.01 0.12 -3.20
N PHE B 342 -9.97 -0.17 -1.89
CA PHE B 342 -11.11 -0.72 -1.16
C PHE B 342 -12.40 0.03 -1.47
N GLU B 343 -12.36 1.37 -1.45
CA GLU B 343 -13.58 2.18 -1.48
C GLU B 343 -14.47 1.85 -2.66
N SER B 344 -13.88 1.49 -3.80
CA SER B 344 -14.68 1.17 -4.98
C SER B 344 -15.46 -0.12 -4.81
N PHE B 345 -15.16 -0.94 -3.79
CA PHE B 345 -15.94 -2.15 -3.53
C PHE B 345 -17.41 -1.81 -3.34
N PRO B 346 -18.32 -2.61 -3.86
CA PRO B 346 -19.74 -2.33 -3.63
C PRO B 346 -20.01 -2.40 -2.14
N SER B 347 -21.09 -1.73 -1.73
CA SER B 347 -21.34 -1.52 -0.31
C SER B 347 -21.36 -2.85 0.44
N TRP B 348 -22.06 -3.84 -0.10
CA TRP B 348 -22.28 -5.07 0.67
C TRP B 348 -20.97 -5.79 0.98
N ALA B 349 -19.97 -5.72 0.10
CA ALA B 349 -18.69 -6.36 0.41
C ALA B 349 -17.87 -5.53 1.38
N LYS B 350 -17.94 -4.20 1.25
CA LYS B 350 -17.30 -3.30 2.23
C LYS B 350 -17.71 -3.68 3.64
N GLU B 351 -19.02 -3.71 3.91
CA GLU B 351 -19.49 -4.03 5.26
C GLU B 351 -19.10 -5.45 5.65
N SER B 352 -19.22 -6.39 4.72
CA SER B 352 -18.93 -7.79 5.02
C SER B 352 -17.49 -7.94 5.48
N LEU B 353 -16.54 -7.54 4.64
CA LEU B 353 -15.13 -7.58 5.04
C LEU B 353 -14.92 -6.77 6.31
N ASN B 354 -15.64 -5.65 6.45
CA ASN B 354 -15.54 -4.83 7.65
C ASN B 354 -15.84 -5.65 8.90
N ALA B 355 -16.91 -6.44 8.85
CA ALA B 355 -17.33 -7.23 9.99
C ALA B 355 -16.32 -8.32 10.38
N HIS B 356 -15.36 -8.67 9.53
CA HIS B 356 -14.49 -9.81 9.81
C HIS B 356 -13.03 -9.43 9.98
N ARG B 357 -12.75 -8.13 10.15
CA ARG B 357 -11.38 -7.63 10.30
C ARG B 357 -10.67 -8.22 11.50
N ASN B 358 -11.42 -8.62 12.52
CA ASN B 358 -10.80 -9.16 13.73
C ASN B 358 -10.84 -10.67 13.83
N ASP B 359 -11.37 -11.39 12.83
CA ASP B 359 -11.23 -12.84 12.89
C ASP B 359 -9.77 -13.20 12.76
N VAL B 360 -9.37 -14.27 13.44
CA VAL B 360 -7.99 -14.71 13.33
C VAL B 360 -7.80 -15.33 11.95
N ARG B 361 -6.76 -14.89 11.24
CA ARG B 361 -6.41 -15.57 10.01
C ARG B 361 -5.69 -16.85 10.35
N SER B 362 -5.91 -17.88 9.54
CA SER B 362 -5.28 -19.16 9.86
C SER B 362 -3.84 -19.20 9.41
N HIS B 363 -3.46 -18.30 8.51
CA HIS B 363 -2.06 -18.04 8.18
C HIS B 363 -1.96 -16.58 7.79
N ILE B 364 -0.79 -15.99 8.03
CA ILE B 364 -0.52 -14.61 7.67
C ILE B 364 0.85 -14.59 7.01
N TYR B 365 0.92 -14.13 5.76
CA TYR B 365 2.19 -14.08 5.06
C TYR B 365 2.50 -12.64 4.66
N THR B 366 3.79 -12.30 4.62
CA THR B 366 4.18 -10.99 4.14
C THR B 366 4.25 -11.00 2.62
N LEU B 367 4.19 -9.79 2.03
CA LEU B 367 4.35 -9.66 0.59
C LEU B 367 5.55 -10.46 0.09
N GLU B 368 6.62 -10.46 0.87
CA GLU B 368 7.84 -11.09 0.40
C GLU B 368 7.72 -12.62 0.47
N GLU B 369 6.82 -13.15 1.31
CA GLU B 369 6.58 -14.59 1.36
C GLU B 369 5.60 -15.03 0.27
N PHE B 370 4.61 -14.19 -0.04
CA PHE B 370 3.78 -14.42 -1.21
C PHE B 370 4.63 -14.34 -2.48
N GLU B 371 5.48 -13.31 -2.59
CA GLU B 371 6.27 -13.10 -3.80
C GLU B 371 7.05 -14.35 -4.19
N ALA B 372 7.48 -15.14 -3.22
CA ALA B 372 8.44 -16.21 -3.49
C ALA B 372 7.88 -17.60 -3.19
N GLY B 373 6.57 -17.77 -3.21
CA GLY B 373 5.97 -19.09 -3.04
C GLY B 373 6.27 -19.75 -1.72
N LYS B 374 6.48 -18.96 -0.67
CA LYS B 374 6.74 -19.48 0.66
C LYS B 374 5.48 -19.60 1.48
N THR B 375 4.38 -20.12 0.92
CA THR B 375 3.16 -20.39 1.67
C THR B 375 3.00 -21.89 1.90
N HIS B 376 2.04 -22.25 2.73
CA HIS B 376 1.77 -23.67 3.07
C HIS B 376 1.01 -24.42 1.97
N ASP B 377 0.48 -23.71 0.95
CA ASP B 377 -0.35 -24.37 -0.10
C ASP B 377 0.49 -24.53 -1.36
N PRO B 378 0.77 -25.77 -1.80
CA PRO B 378 1.60 -25.99 -2.97
C PRO B 378 0.91 -25.60 -4.29
N LEU B 379 -0.42 -25.58 -4.32
CA LEU B 379 -1.14 -25.14 -5.55
C LEU B 379 -1.00 -23.63 -5.62
N TRP B 380 -1.14 -22.96 -4.48
CA TRP B 380 -0.86 -21.54 -4.51
C TRP B 380 0.57 -21.27 -4.98
N ASN B 381 1.55 -21.96 -4.38
CA ASN B 381 2.94 -21.75 -4.77
C ASN B 381 3.15 -22.12 -6.22
N ALA B 382 2.38 -23.08 -6.71
CA ALA B 382 2.45 -23.46 -8.11
C ALA B 382 2.04 -22.29 -9.01
N SER B 383 0.89 -21.67 -8.72
CA SER B 383 0.43 -20.53 -9.53
C SER B 383 1.44 -19.37 -9.54
N GLN B 384 2.15 -19.14 -8.42
CA GLN B 384 3.10 -18.04 -8.36
C GLN B 384 4.37 -18.34 -9.15
N MET B 385 4.85 -19.58 -9.11
CA MET B 385 5.94 -19.99 -9.98
C MET B 385 5.59 -19.80 -11.46
N GLU B 386 4.35 -20.12 -11.86
CA GLU B 386 3.94 -19.87 -13.23
C GLU B 386 4.09 -18.40 -13.56
N LEU B 387 3.57 -17.54 -12.68
CA LEU B 387 3.73 -16.10 -12.84
C LEU B 387 5.21 -15.73 -13.00
N LEU B 388 6.06 -16.29 -12.15
CA LEU B 388 7.46 -15.91 -12.17
C LEU B 388 8.16 -16.39 -13.44
N SER B 389 8.02 -17.68 -13.78
CA SER B 389 8.86 -18.24 -14.83
C SER B 389 8.40 -17.86 -16.24
N THR B 390 7.12 -17.66 -16.45
CA THR B 390 6.62 -17.39 -17.78
C THR B 390 5.94 -16.04 -17.91
N GLY B 391 5.76 -15.31 -16.82
CA GLY B 391 5.11 -14.02 -16.88
C GLY B 391 3.65 -14.01 -17.27
N LYS B 392 2.97 -15.16 -17.21
CA LYS B 392 1.55 -15.18 -17.58
C LYS B 392 0.88 -16.37 -16.89
N MET B 393 0.06 -16.09 -15.88
CA MET B 393 -0.56 -17.16 -15.09
C MET B 393 -1.94 -17.52 -15.66
N HIS B 394 -2.22 -18.82 -15.68
CA HIS B 394 -3.45 -19.33 -16.26
C HIS B 394 -4.66 -18.60 -15.72
N GLY B 395 -5.59 -18.26 -16.62
CA GLY B 395 -6.79 -17.54 -16.25
C GLY B 395 -7.41 -18.00 -14.95
N TYR B 396 -7.67 -19.30 -14.83
CA TYR B 396 -8.44 -19.83 -13.71
C TYR B 396 -7.73 -19.64 -12.37
N MET B 397 -6.41 -19.95 -12.32
CA MET B 397 -5.67 -19.87 -11.06
C MET B 397 -5.52 -18.44 -10.57
N ARG B 398 -5.67 -17.43 -11.45
CA ARG B 398 -5.62 -16.05 -11.00
C ARG B 398 -6.71 -15.78 -9.97
N MET B 399 -7.91 -16.31 -10.19
CA MET B 399 -8.94 -16.25 -9.15
C MET B 399 -8.44 -16.86 -7.84
N TYR B 400 -7.94 -18.10 -7.89
CA TYR B 400 -7.45 -18.80 -6.70
C TYR B 400 -6.29 -18.07 -6.05
N TRP B 401 -5.30 -17.67 -6.87
CA TRP B 401 -4.11 -16.97 -6.38
C TRP B 401 -4.48 -15.71 -5.61
N ALA B 402 -5.43 -14.91 -6.14
CA ALA B 402 -5.79 -13.66 -5.48
C ALA B 402 -6.60 -13.90 -4.20
N LYS B 403 -7.55 -14.84 -4.22
CA LYS B 403 -8.46 -14.99 -3.09
C LYS B 403 -7.77 -15.61 -1.87
N LYS B 404 -6.77 -16.45 -2.08
CA LYS B 404 -5.96 -16.86 -0.95
C LYS B 404 -5.13 -15.72 -0.38
N ILE B 405 -4.86 -14.66 -1.16
CA ILE B 405 -4.16 -13.51 -0.58
C ILE B 405 -5.06 -12.77 0.38
N LEU B 406 -6.37 -12.68 0.06
CA LEU B 406 -7.33 -12.17 1.03
C LEU B 406 -7.32 -13.00 2.31
N GLU B 407 -7.26 -14.33 2.15
CA GLU B 407 -7.42 -15.21 3.30
C GLU B 407 -6.21 -15.17 4.20
N TRP B 408 -5.00 -15.05 3.62
CA TRP B 408 -3.76 -15.14 4.39
C TRP B 408 -3.01 -13.81 4.52
N SER B 409 -3.74 -12.71 4.62
N SER B 409 -3.73 -12.69 4.59
CA SER B 409 -3.15 -11.39 4.84
CA SER B 409 -3.14 -11.38 4.82
C SER B 409 -3.72 -10.77 6.11
C SER B 409 -3.76 -10.71 6.04
N GLU B 410 -3.02 -9.72 6.56
CA GLU B 410 -3.40 -9.04 7.79
C GLU B 410 -4.75 -8.30 7.69
N SER B 411 -5.15 -7.88 6.48
CA SER B 411 -6.31 -6.99 6.34
C SER B 411 -6.67 -6.91 4.86
N PRO B 412 -7.88 -6.45 4.52
CA PRO B 412 -8.23 -6.42 3.09
C PRO B 412 -7.46 -5.35 2.33
N GLU B 413 -7.19 -4.18 2.93
CA GLU B 413 -6.35 -3.21 2.24
C GLU B 413 -5.00 -3.82 1.91
N LYS B 414 -4.52 -4.70 2.77
CA LYS B 414 -3.19 -5.26 2.60
C LYS B 414 -3.19 -6.33 1.53
N ALA B 415 -4.24 -7.16 1.51
CA ALA B 415 -4.35 -8.14 0.42
C ALA B 415 -4.49 -7.44 -0.93
N LEU B 416 -5.33 -6.40 -1.00
CA LEU B 416 -5.42 -5.61 -2.22
C LEU B 416 -4.06 -5.03 -2.60
N GLU B 417 -3.32 -4.53 -1.61
CA GLU B 417 -1.98 -4.01 -1.86
C GLU B 417 -1.06 -5.07 -2.47
N ILE B 418 -0.96 -6.25 -1.81
CA ILE B 418 -0.13 -7.34 -2.32
C ILE B 418 -0.66 -7.83 -3.68
N ALA B 419 -1.96 -8.11 -3.75
CA ALA B 419 -2.58 -8.58 -4.98
C ALA B 419 -2.17 -7.72 -6.17
N ILE B 420 -2.28 -6.39 -6.01
CA ILE B 420 -1.94 -5.47 -7.09
C ILE B 420 -0.44 -5.46 -7.33
N CYS B 421 0.36 -5.44 -6.26
CA CYS B 421 1.80 -5.32 -6.42
C CYS B 421 2.35 -6.46 -7.26
N LEU B 422 1.90 -7.69 -7.02
CA LEU B 422 2.43 -8.84 -7.74
C LEU B 422 1.85 -8.98 -9.14
N ASN B 423 0.57 -8.66 -9.33
CA ASN B 423 -0.01 -8.68 -10.67
C ASN B 423 0.82 -7.82 -11.62
N ASP B 424 0.93 -6.52 -11.32
CA ASP B 424 1.62 -5.57 -12.20
C ASP B 424 3.13 -5.82 -12.33
N ARG B 425 3.77 -6.37 -11.29
CA ARG B 425 5.22 -6.56 -11.33
C ARG B 425 5.61 -7.72 -12.22
N TYR B 426 4.79 -8.77 -12.25
CA TYR B 426 5.20 -10.00 -12.86
C TYR B 426 4.36 -10.42 -14.05
N GLU B 427 3.18 -9.84 -14.24
CA GLU B 427 2.36 -10.22 -15.39
C GLU B 427 2.74 -9.43 -16.63
N LEU B 428 2.95 -10.14 -17.74
CA LEU B 428 3.10 -9.47 -19.03
C LEU B 428 1.87 -8.60 -19.37
N ASP B 429 0.66 -9.01 -18.94
CA ASP B 429 -0.56 -8.24 -19.13
C ASP B 429 -0.90 -7.33 -17.94
N GLY B 430 0.09 -6.94 -17.15
CA GLY B 430 -0.13 -6.14 -15.98
C GLY B 430 -0.18 -4.66 -16.29
N ARG B 431 -0.45 -3.87 -15.25
CA ARG B 431 -0.58 -2.42 -15.37
C ARG B 431 -1.70 -2.10 -16.37
N ASP B 432 -2.86 -2.71 -16.14
CA ASP B 432 -3.92 -2.78 -17.13
C ASP B 432 -5.30 -2.68 -16.47
N PRO B 433 -6.30 -2.14 -17.19
CA PRO B 433 -7.69 -2.21 -16.73
C PRO B 433 -8.21 -3.60 -16.42
N ASN B 434 -7.91 -4.60 -17.25
CA ASN B 434 -8.31 -5.97 -16.93
C ASN B 434 -7.67 -6.44 -15.63
N GLY B 435 -6.71 -5.69 -15.10
CA GLY B 435 -5.95 -6.09 -13.93
C GLY B 435 -6.61 -5.62 -12.66
N TYR B 436 -6.90 -4.31 -12.57
CA TYR B 436 -7.51 -3.81 -11.36
C TYR B 436 -8.96 -4.24 -11.25
N ALA B 437 -9.67 -4.33 -12.37
CA ALA B 437 -11.05 -4.82 -12.34
C ALA B 437 -11.10 -6.27 -11.88
N GLY B 438 -10.11 -7.08 -12.29
CA GLY B 438 -10.13 -8.51 -12.03
C GLY B 438 -9.74 -8.80 -10.59
N ILE B 439 -8.80 -8.03 -10.07
CA ILE B 439 -8.50 -8.08 -8.64
C ILE B 439 -9.70 -7.59 -7.83
N ALA B 440 -10.41 -6.55 -8.31
CA ALA B 440 -11.59 -6.08 -7.60
C ALA B 440 -12.66 -7.18 -7.48
N TRP B 441 -12.89 -7.95 -8.56
CA TRP B 441 -13.82 -9.07 -8.48
C TRP B 441 -13.39 -10.08 -7.43
N SER B 442 -12.11 -10.53 -7.49
CA SER B 442 -11.61 -11.58 -6.60
C SER B 442 -11.66 -11.19 -5.13
N ILE B 443 -11.36 -9.94 -4.81
CA ILE B 443 -11.13 -9.49 -3.43
C ILE B 443 -12.35 -8.76 -2.87
N GLY B 444 -13.06 -8.02 -3.72
CA GLY B 444 -14.04 -7.06 -3.25
C GLY B 444 -15.42 -7.28 -3.82
N GLY B 445 -15.56 -8.32 -4.65
CA GLY B 445 -16.87 -8.68 -5.21
C GLY B 445 -17.39 -7.73 -6.27
N VAL B 446 -16.51 -7.06 -7.00
CA VAL B 446 -16.97 -6.16 -8.06
C VAL B 446 -17.37 -7.00 -9.28
N HIS B 447 -18.63 -6.84 -9.71
CA HIS B 447 -19.27 -7.60 -10.79
C HIS B 447 -19.65 -9.01 -10.36
N ASP B 448 -19.57 -9.33 -9.07
CA ASP B 448 -19.95 -10.59 -8.44
C ASP B 448 -21.14 -10.35 -7.48
N ARG B 449 -21.56 -11.40 -6.78
CA ARG B 449 -22.65 -11.31 -5.81
C ARG B 449 -22.17 -11.83 -4.44
N ALA B 450 -23.04 -11.73 -3.45
CA ALA B 450 -22.70 -12.23 -2.13
C ALA B 450 -22.88 -13.74 -2.07
N TRP B 451 -22.06 -14.40 -1.25
CA TRP B 451 -22.23 -15.84 -1.02
C TRP B 451 -22.32 -16.11 0.48
N GLY B 452 -22.33 -17.38 0.87
CA GLY B 452 -22.48 -17.73 2.27
C GLY B 452 -21.30 -17.25 3.11
N GLU B 453 -21.58 -16.92 4.36
CA GLU B 453 -20.60 -16.21 5.17
C GLU B 453 -19.47 -17.15 5.62
N ARG B 454 -18.26 -16.61 5.71
CA ARG B 454 -17.10 -17.32 6.23
C ARG B 454 -16.24 -16.36 7.04
N GLU B 455 -15.66 -16.86 8.14
CA GLU B 455 -14.65 -16.11 8.87
C GLU B 455 -13.64 -15.52 7.90
N VAL B 456 -13.09 -14.37 8.30
CA VAL B 456 -12.07 -13.62 7.53
C VAL B 456 -12.64 -13.06 6.23
N THR B 457 -13.04 -13.92 5.30
CA THR B 457 -13.37 -13.47 3.94
C THR B 457 -14.85 -13.10 3.77
N GLY B 458 -15.70 -13.30 4.77
CA GLY B 458 -17.04 -12.75 4.73
C GLY B 458 -17.96 -13.40 3.73
N LYS B 459 -18.71 -12.60 2.97
CA LYS B 459 -19.60 -13.12 1.96
C LYS B 459 -19.00 -13.07 0.57
N ILE B 460 -17.66 -13.03 0.45
CA ILE B 460 -17.02 -13.00 -0.85
C ILE B 460 -16.93 -14.42 -1.37
N ARG B 461 -17.15 -14.60 -2.67
CA ARG B 461 -17.10 -15.93 -3.27
C ARG B 461 -15.83 -16.63 -2.83
N TYR B 462 -15.97 -17.83 -2.26
CA TYR B 462 -14.85 -18.60 -1.75
C TYR B 462 -14.42 -19.65 -2.78
N MET B 463 -13.14 -20.01 -2.73
CA MET B 463 -12.62 -21.13 -3.51
C MET B 463 -11.67 -21.92 -2.62
N SER B 464 -11.66 -23.24 -2.79
CA SER B 464 -10.89 -24.11 -1.93
C SER B 464 -9.96 -24.99 -2.73
N TYR B 465 -8.99 -25.54 -2.03
CA TYR B 465 -8.06 -26.46 -2.66
C TYR B 465 -8.79 -27.71 -3.12
N GLU B 466 -9.81 -28.15 -2.38
CA GLU B 466 -10.56 -29.35 -2.75
C GLU B 466 -11.58 -29.06 -3.84
N GLY B 467 -12.13 -27.84 -3.91
CA GLY B 467 -12.80 -27.42 -5.13
C GLY B 467 -11.92 -27.64 -6.34
N CYS B 468 -10.66 -27.21 -6.26
CA CYS B 468 -9.77 -27.34 -7.39
C CYS B 468 -9.48 -28.80 -7.69
N LYS B 469 -9.32 -29.61 -6.64
CA LYS B 469 -9.03 -31.02 -6.86
C LYS B 469 -10.14 -31.73 -7.64
N ARG B 470 -11.38 -31.23 -7.54
CA ARG B 470 -12.50 -31.92 -8.19
C ARG B 470 -12.63 -31.59 -9.67
N LYS B 471 -12.00 -30.50 -10.14
CA LYS B 471 -12.18 -29.99 -11.51
C LYS B 471 -11.02 -30.27 -12.45
N PHE B 472 -9.79 -30.35 -11.95
CA PHE B 472 -8.65 -30.70 -12.78
C PHE B 472 -7.61 -31.39 -11.92
N ASP B 473 -6.68 -32.08 -12.58
CA ASP B 473 -5.61 -32.78 -11.89
C ASP B 473 -4.62 -31.79 -11.28
N VAL B 474 -4.88 -31.37 -10.03
CA VAL B 474 -4.03 -30.39 -9.38
C VAL B 474 -2.59 -30.84 -9.35
N LYS B 475 -2.36 -32.17 -9.30
CA LYS B 475 -1.03 -32.70 -9.07
C LYS B 475 -0.09 -32.37 -10.22
N LEU B 476 -0.58 -32.44 -11.45
CA LEU B 476 0.27 -32.18 -12.60
C LEU B 476 0.61 -30.71 -12.72
N TYR B 477 -0.35 -29.83 -12.42
CA TYR B 477 -0.04 -28.41 -12.41
C TYR B 477 1.07 -28.11 -11.41
N ILE B 478 1.03 -28.73 -10.23
CA ILE B 478 2.07 -28.53 -9.22
C ILE B 478 3.42 -29.00 -9.74
N GLU B 479 3.47 -30.21 -10.27
CA GLU B 479 4.72 -30.75 -10.79
C GLU B 479 5.24 -29.94 -11.96
N LYS B 480 4.35 -29.34 -12.75
CA LYS B 480 4.81 -28.58 -13.90
C LYS B 480 5.75 -27.45 -13.48
N TYR B 481 5.55 -26.89 -12.27
CA TYR B 481 6.27 -25.71 -11.78
C TYR B 481 6.84 -26.04 -10.41
N SER B 482 7.98 -26.73 -10.38
CA SER B 482 8.62 -27.14 -9.13
C SER B 482 10.14 -27.00 -9.29
N ALA B 483 10.65 -25.83 -8.92
CA ALA B 483 12.08 -25.56 -8.86
C ALA B 483 12.29 -24.31 -8.01
#